data_6Z3Q
#
_entry.id   6Z3Q
#
_cell.length_a   1.00
_cell.length_b   1.00
_cell.length_c   1.00
_cell.angle_alpha   90.00
_cell.angle_beta   90.00
_cell.angle_gamma   90.00
#
_symmetry.space_group_name_H-M   'P 1'
#
loop_
_entity.id
_entity.type
_entity.pdbx_description
1 polymer VP1
2 polymer VP2
3 polymer VP3
4 polymer VP4
5 polymer 'Heavy chain'
6 polymer 'Light chain'
7 non-polymer SPHINGOSINE
#
loop_
_entity_poly.entity_id
_entity_poly.type
_entity_poly.pdbx_seq_one_letter_code
_entity_poly.pdbx_strand_id
1 'polypeptide(L)'
;GDRVADMIESSIGNSVSRALTQALPAPTGQNTQVSSHRLDTGEVPALQAAEIGASSNTSDESMIETRCVLNSHSTAETTL
DSFFSRAGLVGEIDLPLEGTTNPNGYANWDIDITGYAQMRRKVELFTYMRFDAEFTFVACTPTGQVVPQLLQYMFVPPGA
PKPESRESLAWQTATNPSVFVKLTDPPAQVSVPFMSPASAYQWFYDGYPTFGEHKQEKDLEYGACPNNMMGTFSVRTVGS
SKSKYALVVRIYMRMKHVRAWIPRPMRNQNYLFKANPNYAGDSIKPTGTSRNAITTL
;
A
2 'polypeptide(L)'
;SPSAEACGYSDRVAQLTIGNSTITTQEAANIIVGYGEWPSYCSDDDATAVDKPTRPDVSVNRFYTLDTKLWEKSSKGWYW
KFPDVLTETGVFGQNAQFHYLYRSGFCIHVQCNASKFHQGALLVAILPEYVIGTVAGGTGTEDSHPPYIQTQPGADGFEL
QHPYVLDAGIPISQLTVCPHQWINLRTNNCATIIVPYMNTLPFDSALNHCNFGLLVVPISPLDFDQGATPVIPITITLAP
MCSEFAGLRQAVTQ
;
B
3 'polypeptide(L)'
;GFPTELKPGTNQFLTTDDGVSAPILPNFHPTPCIHIPGEVRNLLELCQVETILEVNNVPTNATSLMERLRFPVSAQAGKG
ELCAVFRADPGRDGPWQSTMLGQLCGYYTQWSGSLEVTFMFTGSFMATGKMLIAYTPPGGPLPKDRATAMLGTHVIWDFG
LQSSVTLVIPWISNTHYRAHARDGVFDYYTTGLVSIWYQTNYVVPIGAPNTAYIIALAAAQKNFTMKLCKDTSHILQTAS
IQ
;
C
4 'polypeptide(L)' SHENSNSATEGSTINYTTINYYKDSYAATAGKQSLKQDPDKFANPVKDIFTEMAAPLK D
5 'polypeptide(L)'
;MGCVAQLQLQESGPGLVKPSETLSLTCTVSGGSISSSSYYWGWIRQPPGKGLEWIGSIYYSGSTYYNPSLKSRVTISVDT
SKNQFSLKLSSVTAADTAVYYCAREITMIAWFDPWGQGTLVTVSSASTKGPSVFPLAPSSKSTSGGTAALGCLVKDYFPE
PVTVSWNSGALTSGVHTFPAVLQSS(UNK)LYSLSSVVTVPSSSLGTQTYICNVNHKPSNTKVDKKVEPKSCDKHHHHHH
;
H
6 'polypeptide(L)'
;MGCVADIQMTQSPSSLSASVGDRVTITCRASQGIRNDLGWYQQKPGKAPKLLIYAASSLQSGVPSRFSGSGSGTDFTLTI
SSLQPEDFATYYCLQDYNYLLTFGGGTKVEIKRTVAAPSVFIFPPSDEQLKSGTASVVCLLNNFYPREAKVQWKVDNALQ
SGNSQESVTEQDSKDSTYSLSSTLTLSKADYEKHKVYACEVTHQGLSSPVTKSFNRGEC
;
L
#
loop_
_chem_comp.id
_chem_comp.type
_chem_comp.name
_chem_comp.formula
SPH non-polymer SPHINGOSINE 'C18 H37 N O2'
#
# COMPACT_ATOMS: atom_id res chain seq x y z
N ARG A 3 48.24 -29.44 -3.40
CA ARG A 3 46.81 -29.53 -3.07
C ARG A 3 46.30 -28.23 -2.46
N VAL A 4 45.23 -27.69 -3.04
CA VAL A 4 44.60 -26.48 -2.54
C VAL A 4 43.26 -26.87 -1.92
N ALA A 5 43.07 -26.49 -0.65
CA ALA A 5 41.89 -26.93 0.07
C ALA A 5 40.62 -26.18 -0.35
N ASP A 6 40.71 -24.88 -0.59
CA ASP A 6 39.50 -24.09 -0.85
C ASP A 6 38.96 -24.35 -2.25
N MET A 7 39.82 -24.68 -3.21
CA MET A 7 39.32 -25.05 -4.53
C MET A 7 38.59 -26.38 -4.49
N ILE A 8 38.88 -27.23 -3.50
CA ILE A 8 38.16 -28.48 -3.33
C ILE A 8 36.94 -28.31 -2.44
N GLU A 9 36.96 -27.34 -1.53
CA GLU A 9 35.88 -27.19 -0.58
C GLU A 9 34.56 -26.90 -1.29
N SER A 10 34.57 -25.92 -2.21
CA SER A 10 33.38 -25.67 -3.01
C SER A 10 33.27 -26.72 -4.09
N SER A 11 34.22 -26.71 -5.03
CA SER A 11 34.36 -27.78 -6.02
C SER A 11 33.11 -27.99 -6.86
N ILE A 12 32.08 -27.18 -6.65
CA ILE A 12 30.81 -27.39 -7.33
C ILE A 12 29.98 -26.12 -7.30
N GLY A 13 29.40 -25.76 -8.44
CA GLY A 13 28.36 -24.75 -8.47
C GLY A 13 27.02 -25.41 -8.22
N ASN A 14 26.45 -25.19 -7.04
CA ASN A 14 25.25 -25.93 -6.68
C ASN A 14 24.12 -25.66 -7.66
N SER A 15 23.92 -24.40 -8.04
CA SER A 15 22.89 -24.04 -9.02
C SER A 15 21.53 -24.61 -8.64
N VAL A 16 21.32 -24.87 -7.35
CA VAL A 16 20.10 -25.54 -6.91
C VAL A 16 18.96 -24.55 -6.70
N SER A 17 19.26 -23.32 -6.29
CA SER A 17 18.25 -22.36 -5.87
C SER A 17 17.41 -22.97 -4.74
N ARG A 18 18.09 -23.28 -3.65
CA ARG A 18 17.45 -23.98 -2.53
C ARG A 18 16.13 -23.31 -2.17
N ALA A 19 15.04 -24.06 -2.35
CA ALA A 19 13.70 -23.55 -2.15
C ALA A 19 13.30 -23.76 -0.69
N LEU A 20 13.19 -22.67 0.06
CA LEU A 20 12.77 -22.77 1.46
C LEU A 20 11.36 -23.34 1.58
N THR A 21 10.55 -23.26 0.53
CA THR A 21 9.16 -23.68 0.57
C THR A 21 8.84 -24.48 -0.69
N GLN A 22 7.84 -25.35 -0.58
CA GLN A 22 7.35 -26.12 -1.71
C GLN A 22 5.83 -25.98 -1.79
N ALA A 23 5.29 -26.28 -2.95
CA ALA A 23 3.85 -26.21 -3.17
C ALA A 23 3.20 -27.51 -2.70
N LEU A 24 2.13 -27.38 -1.94
CA LEU A 24 1.33 -28.51 -1.51
C LEU A 24 -0.03 -28.48 -2.18
N PRO A 25 -0.69 -29.63 -2.33
CA PRO A 25 -2.01 -29.63 -2.96
C PRO A 25 -3.04 -28.95 -2.06
N ALA A 26 -3.75 -27.98 -2.61
CA ALA A 26 -4.76 -27.21 -1.89
C ALA A 26 -6.03 -27.14 -2.73
N PRO A 27 -6.70 -28.28 -2.92
CA PRO A 27 -7.91 -28.26 -3.75
C PRO A 27 -9.05 -27.46 -3.14
N THR A 28 -9.09 -27.35 -1.82
CA THR A 28 -10.14 -26.62 -1.13
C THR A 28 -9.54 -25.87 0.04
N GLY A 29 -10.25 -24.85 0.51
CA GLY A 29 -9.83 -24.15 1.70
C GLY A 29 -9.76 -25.08 2.90
N GLN A 30 -8.79 -24.82 3.77
CA GLN A 30 -8.53 -25.75 4.87
C GLN A 30 -9.71 -25.77 5.83
N ASN A 31 -9.89 -26.91 6.48
CA ASN A 31 -10.96 -27.07 7.44
C ASN A 31 -10.63 -26.34 8.74
N THR A 32 -11.65 -26.18 9.56
CA THR A 32 -11.49 -25.65 10.90
C THR A 32 -11.59 -26.79 11.90
N GLN A 33 -10.68 -26.81 12.87
CA GLN A 33 -10.68 -27.81 13.92
C GLN A 33 -11.29 -27.25 15.20
N VAL A 34 -11.77 -28.15 16.04
CA VAL A 34 -12.35 -27.74 17.31
C VAL A 34 -11.25 -27.17 18.20
N SER A 35 -11.55 -26.05 18.85
CA SER A 35 -10.65 -25.44 19.82
C SER A 35 -11.43 -25.04 21.05
N SER A 36 -10.80 -25.17 22.21
CA SER A 36 -11.37 -24.81 23.49
C SER A 36 -10.54 -23.67 24.10
N HIS A 37 -10.87 -23.31 25.34
CA HIS A 37 -10.16 -22.24 26.01
C HIS A 37 -8.74 -22.66 26.35
N ARG A 38 -7.82 -21.71 26.32
CA ARG A 38 -6.43 -21.95 26.70
C ARG A 38 -5.98 -20.81 27.60
N LEU A 39 -5.81 -21.11 28.89
CA LEU A 39 -5.27 -20.18 29.87
C LEU A 39 -3.83 -20.65 30.13
N ASP A 40 -2.88 -20.04 29.43
CA ASP A 40 -1.50 -20.49 29.43
C ASP A 40 -0.56 -19.30 29.54
N THR A 41 0.73 -19.60 29.68
CA THR A 41 1.78 -18.60 29.67
C THR A 41 2.87 -19.04 28.70
N GLY A 42 3.61 -18.07 28.21
CA GLY A 42 4.75 -18.32 27.35
C GLY A 42 4.41 -18.51 25.88
N GLU A 43 3.33 -19.23 25.61
CA GLU A 43 2.86 -19.44 24.25
C GLU A 43 1.73 -18.45 23.98
N VAL A 44 2.01 -17.45 23.15
CA VAL A 44 1.05 -16.39 22.86
C VAL A 44 0.91 -16.27 21.33
N PRO A 45 0.04 -17.07 20.71
CA PRO A 45 -0.07 -17.04 19.24
C PRO A 45 -0.58 -15.72 18.68
N ALA A 46 -1.23 -14.88 19.48
CA ALA A 46 -1.82 -13.64 18.96
C ALA A 46 -0.80 -12.54 18.72
N LEU A 47 0.31 -12.52 19.47
CA LEU A 47 1.31 -11.48 19.31
C LEU A 47 2.26 -11.82 18.18
N GLN A 48 2.53 -10.83 17.34
CA GLN A 48 3.35 -11.04 16.15
C GLN A 48 4.52 -10.07 16.12
N ALA A 49 5.31 -10.13 15.06
CA ALA A 49 6.38 -9.17 14.81
C ALA A 49 6.31 -8.84 13.33
N ALA A 50 5.54 -7.81 12.99
CA ALA A 50 5.36 -7.44 11.59
C ALA A 50 6.65 -6.93 10.96
N GLU A 51 7.65 -6.60 11.78
CA GLU A 51 8.92 -6.13 11.25
C GLU A 51 9.73 -7.26 10.62
N ILE A 52 9.47 -8.51 11.02
CA ILE A 52 10.14 -9.64 10.39
C ILE A 52 9.81 -9.73 8.91
N GLY A 53 8.76 -9.06 8.47
CA GLY A 53 8.39 -9.07 7.06
C GLY A 53 7.51 -10.22 6.64
N ALA A 54 7.21 -11.15 7.53
CA ALA A 54 6.31 -12.25 7.24
C ALA A 54 4.89 -11.89 7.67
N SER A 55 3.93 -12.58 7.05
CA SER A 55 2.55 -12.44 7.46
C SER A 55 2.28 -13.31 8.69
N SER A 56 1.24 -12.96 9.42
CA SER A 56 0.94 -13.64 10.67
C SER A 56 0.58 -15.10 10.43
N ASN A 57 1.11 -15.97 11.27
CA ASN A 57 0.78 -17.38 11.24
C ASN A 57 -0.35 -17.72 12.21
N THR A 58 -0.98 -16.72 12.81
CA THR A 58 -2.09 -16.96 13.71
C THR A 58 -3.28 -17.53 12.94
N SER A 59 -4.07 -18.35 13.62
CA SER A 59 -5.22 -19.01 13.04
C SER A 59 -6.45 -18.73 13.90
N ASP A 60 -7.61 -19.15 13.38
CA ASP A 60 -8.85 -19.00 14.13
C ASP A 60 -8.80 -19.85 15.40
N GLU A 61 -8.27 -21.07 15.30
CA GLU A 61 -8.34 -22.01 16.41
C GLU A 61 -7.66 -21.47 17.66
N SER A 62 -6.72 -20.54 17.52
CA SER A 62 -5.98 -20.02 18.65
C SER A 62 -6.53 -18.72 19.19
N MET A 63 -7.42 -18.04 18.46
CA MET A 63 -7.96 -16.76 18.87
C MET A 63 -9.35 -16.86 19.48
N ILE A 64 -10.16 -17.78 18.99
CA ILE A 64 -11.51 -18.01 19.50
C ILE A 64 -11.68 -19.50 19.73
N GLU A 65 -12.82 -19.88 20.28
CA GLU A 65 -13.20 -21.28 20.42
C GLU A 65 -14.05 -21.67 19.21
N THR A 66 -13.48 -22.44 18.31
CA THR A 66 -14.11 -22.76 17.04
C THR A 66 -14.69 -24.16 17.05
N ARG A 67 -15.73 -24.36 16.24
CA ARG A 67 -16.26 -25.68 15.96
C ARG A 67 -15.51 -26.30 14.79
N CYS A 68 -15.75 -27.59 14.56
CA CYS A 68 -15.17 -28.28 13.42
C CYS A 68 -16.01 -27.98 12.19
N VAL A 69 -15.43 -27.27 11.24
CA VAL A 69 -16.07 -26.99 9.95
C VAL A 69 -15.31 -27.75 8.89
N LEU A 70 -16.01 -28.61 8.16
CA LEU A 70 -15.43 -29.34 7.03
C LEU A 70 -15.62 -28.48 5.79
N ASN A 71 -14.58 -27.74 5.43
CA ASN A 71 -14.67 -26.77 4.35
C ASN A 71 -14.37 -27.45 3.03
N SER A 72 -15.36 -27.43 2.13
CA SER A 72 -15.25 -28.03 0.81
C SER A 72 -15.35 -26.98 -0.30
N HIS A 73 -14.82 -25.79 -0.05
CA HIS A 73 -14.87 -24.69 -1.01
C HIS A 73 -13.67 -24.79 -1.94
N SER A 74 -13.94 -24.88 -3.24
CA SER A 74 -12.89 -25.09 -4.22
C SER A 74 -12.07 -23.83 -4.43
N THR A 75 -10.77 -24.03 -4.68
CA THR A 75 -9.86 -22.95 -5.04
C THR A 75 -9.56 -22.92 -6.54
N ALA A 76 -10.36 -23.63 -7.33
CA ALA A 76 -10.05 -23.79 -8.75
C ALA A 76 -10.17 -22.48 -9.52
N GLU A 77 -11.11 -21.62 -9.14
CA GLU A 77 -11.40 -20.43 -9.94
C GLU A 77 -10.41 -19.30 -9.70
N THR A 78 -9.56 -19.40 -8.69
CA THR A 78 -8.52 -18.41 -8.45
C THR A 78 -7.18 -18.79 -9.06
N THR A 79 -7.13 -19.89 -9.81
CA THR A 79 -5.93 -20.22 -10.55
C THR A 79 -5.72 -19.21 -11.68
N LEU A 80 -4.52 -19.23 -12.26
CA LEU A 80 -4.21 -18.29 -13.32
C LEU A 80 -4.98 -18.59 -14.60
N ASP A 81 -5.15 -19.87 -14.93
CA ASP A 81 -5.89 -20.24 -16.13
C ASP A 81 -7.38 -19.97 -16.00
N SER A 82 -7.87 -19.68 -14.80
CA SER A 82 -9.25 -19.24 -14.62
C SER A 82 -9.37 -17.72 -14.57
N PHE A 83 -8.30 -17.03 -14.21
CA PHE A 83 -8.32 -15.58 -14.07
C PHE A 83 -7.93 -14.86 -15.35
N PHE A 84 -7.17 -15.52 -16.23
CA PHE A 84 -6.68 -14.89 -17.45
C PHE A 84 -7.29 -15.44 -18.72
N SER A 85 -7.88 -16.63 -18.69
CA SER A 85 -8.45 -17.25 -19.89
C SER A 85 -9.83 -16.66 -20.18
N ARG A 86 -9.84 -15.34 -20.38
CA ARG A 86 -11.06 -14.59 -20.68
C ARG A 86 -10.72 -13.55 -21.73
N ALA A 87 -11.35 -13.64 -22.89
CA ALA A 87 -11.03 -12.72 -23.97
C ALA A 87 -11.50 -11.32 -23.63
N GLY A 88 -10.60 -10.34 -23.75
CA GLY A 88 -10.94 -8.96 -23.54
C GLY A 88 -10.38 -8.12 -24.67
N LEU A 89 -10.98 -6.94 -24.85
CA LEU A 89 -10.60 -6.07 -25.95
C LEU A 89 -9.17 -5.61 -25.78
N VAL A 90 -8.32 -5.92 -26.75
CA VAL A 90 -6.95 -5.44 -26.76
C VAL A 90 -6.64 -4.53 -27.93
N GLY A 91 -7.44 -4.55 -28.99
CA GLY A 91 -7.16 -3.69 -30.14
C GLY A 91 -8.42 -3.23 -30.82
N GLU A 92 -8.34 -2.08 -31.46
CA GLU A 92 -9.42 -1.59 -32.30
C GLU A 92 -8.82 -0.85 -33.47
N ILE A 93 -9.11 -1.32 -34.69
CA ILE A 93 -8.58 -0.77 -35.92
C ILE A 93 -9.73 -0.20 -36.72
N ASP A 94 -9.45 0.87 -37.46
CA ASP A 94 -10.45 1.55 -38.26
C ASP A 94 -10.02 1.56 -39.72
N LEU A 95 -10.96 1.29 -40.61
CA LEU A 95 -10.77 1.41 -42.06
C LEU A 95 -11.96 2.21 -42.58
N PRO A 96 -11.95 3.51 -42.36
CA PRO A 96 -13.07 4.36 -42.81
C PRO A 96 -12.98 4.62 -44.31
N LEU A 97 -13.92 5.43 -44.79
CA LEU A 97 -13.92 5.88 -46.18
C LEU A 97 -13.44 7.32 -46.32
N GLU A 98 -13.66 8.15 -45.29
CA GLU A 98 -13.15 9.50 -45.25
C GLU A 98 -12.52 9.76 -43.89
N GLY A 99 -11.50 10.60 -43.88
CA GLY A 99 -10.79 10.97 -42.66
C GLY A 99 -9.29 10.87 -42.85
N THR A 100 -8.57 11.02 -41.74
CA THR A 100 -7.12 10.97 -41.76
C THR A 100 -6.54 9.70 -41.16
N THR A 101 -7.37 8.82 -40.63
CA THR A 101 -6.90 7.58 -40.02
C THR A 101 -7.18 6.40 -40.95
N ASN A 102 -6.12 5.69 -41.31
CA ASN A 102 -6.17 4.52 -42.18
C ASN A 102 -7.11 4.79 -43.36
N PRO A 103 -6.93 5.90 -44.08
CA PRO A 103 -7.87 6.24 -45.15
C PRO A 103 -7.77 5.37 -46.39
N ASN A 104 -6.63 4.71 -46.60
CA ASN A 104 -6.36 3.99 -47.85
C ASN A 104 -6.72 2.52 -47.78
N GLY A 105 -7.71 2.16 -46.98
CA GLY A 105 -8.21 0.80 -46.97
C GLY A 105 -7.27 -0.22 -46.37
N TYR A 106 -6.36 0.19 -45.50
CA TYR A 106 -5.50 -0.75 -44.81
C TYR A 106 -4.98 -0.09 -43.54
N ALA A 107 -4.49 -0.92 -42.63
CA ALA A 107 -4.01 -0.42 -41.35
C ALA A 107 -2.98 -1.38 -40.77
N ASN A 108 -2.07 -0.83 -39.98
CA ASN A 108 -1.09 -1.60 -39.22
C ASN A 108 -1.30 -1.30 -37.75
N TRP A 109 -1.25 -2.35 -36.92
CA TRP A 109 -1.44 -2.23 -35.48
C TRP A 109 -0.31 -3.00 -34.80
N ASP A 110 0.64 -2.27 -34.22
CA ASP A 110 1.70 -2.94 -33.48
C ASP A 110 1.10 -3.59 -32.23
N ILE A 111 1.50 -4.83 -31.97
CA ILE A 111 0.83 -5.66 -30.98
C ILE A 111 1.26 -5.23 -29.59
N ASP A 112 0.28 -5.01 -28.72
CA ASP A 112 0.54 -4.65 -27.34
C ASP A 112 -0.75 -4.73 -26.55
N ILE A 113 -0.67 -5.29 -25.35
CA ILE A 113 -1.84 -5.45 -24.51
C ILE A 113 -2.19 -4.18 -23.74
N THR A 114 -1.29 -3.19 -23.72
CA THR A 114 -1.41 -2.05 -22.83
C THR A 114 -2.18 -0.88 -23.44
N GLY A 115 -3.10 -1.14 -24.36
CA GLY A 115 -3.85 -0.07 -24.98
C GLY A 115 -5.19 0.21 -24.32
N TYR A 116 -5.67 -0.73 -23.52
CA TYR A 116 -6.96 -0.60 -22.85
C TYR A 116 -6.83 -0.94 -21.38
N ALA A 117 -7.57 -0.20 -20.54
CA ALA A 117 -7.32 -0.21 -19.12
C ALA A 117 -7.59 -1.56 -18.47
N GLN A 118 -8.66 -2.25 -18.86
CA GLN A 118 -9.07 -3.45 -18.14
C GLN A 118 -8.02 -4.55 -18.25
N MET A 119 -7.76 -5.01 -19.48
CA MET A 119 -6.78 -6.07 -19.69
C MET A 119 -5.40 -5.66 -19.19
N ARG A 120 -5.03 -4.39 -19.42
CA ARG A 120 -3.74 -3.90 -18.96
C ARG A 120 -3.61 -4.06 -17.44
N ARG A 121 -4.61 -3.60 -16.70
CA ARG A 121 -4.53 -3.68 -15.25
C ARG A 121 -4.58 -5.12 -14.77
N LYS A 122 -5.31 -5.99 -15.48
CA LYS A 122 -5.31 -7.40 -15.10
C LYS A 122 -3.91 -8.00 -15.25
N VAL A 123 -3.19 -7.64 -16.32
CA VAL A 123 -1.90 -8.28 -16.55
C VAL A 123 -0.78 -7.60 -15.75
N GLU A 124 -0.93 -6.33 -15.39
CA GLU A 124 0.10 -5.65 -14.60
C GLU A 124 0.27 -6.26 -13.22
N LEU A 125 -0.65 -7.12 -12.78
CA LEU A 125 -0.55 -7.71 -11.45
C LEU A 125 0.74 -8.52 -11.29
N PHE A 126 1.36 -8.93 -12.38
CA PHE A 126 2.58 -9.71 -12.36
C PHE A 126 3.64 -9.03 -13.19
N THR A 127 4.90 -9.20 -12.79
CA THR A 127 6.00 -8.66 -13.58
C THR A 127 6.23 -9.50 -14.83
N TYR A 128 6.19 -10.83 -14.70
CA TYR A 128 6.53 -11.71 -15.81
C TYR A 128 5.37 -12.64 -16.12
N MET A 129 5.12 -12.86 -17.40
CA MET A 129 4.06 -13.77 -17.82
C MET A 129 4.46 -14.50 -19.09
N ARG A 130 4.16 -15.79 -19.12
CA ARG A 130 4.44 -16.66 -20.26
C ARG A 130 3.15 -17.39 -20.59
N PHE A 131 2.62 -17.18 -21.80
CA PHE A 131 1.31 -17.72 -22.13
C PHE A 131 1.19 -17.88 -23.64
N ASP A 132 0.24 -18.71 -24.04
CA ASP A 132 -0.17 -18.83 -25.43
C ASP A 132 -1.47 -18.05 -25.62
N ALA A 133 -1.52 -17.25 -26.67
CA ALA A 133 -2.66 -16.37 -26.87
C ALA A 133 -3.68 -17.03 -27.79
N GLU A 134 -4.92 -16.59 -27.65
CA GLU A 134 -5.98 -16.91 -28.61
C GLU A 134 -6.61 -15.59 -28.99
N PHE A 135 -6.44 -15.19 -30.25
CA PHE A 135 -6.89 -13.91 -30.76
C PHE A 135 -8.14 -14.09 -31.60
N THR A 136 -9.14 -13.24 -31.35
CA THR A 136 -10.40 -13.27 -32.07
C THR A 136 -10.65 -11.90 -32.67
N PHE A 137 -11.04 -11.88 -33.93
CA PHE A 137 -11.23 -10.66 -34.70
C PHE A 137 -12.71 -10.53 -35.03
N VAL A 138 -13.30 -9.40 -34.66
CA VAL A 138 -14.72 -9.11 -34.86
C VAL A 138 -14.79 -7.86 -35.72
N ALA A 139 -15.18 -8.02 -36.98
CA ALA A 139 -15.22 -6.93 -37.93
C ALA A 139 -16.66 -6.56 -38.24
N CYS A 140 -16.92 -5.27 -38.36
CA CYS A 140 -18.27 -4.77 -38.65
C CYS A 140 -18.15 -3.34 -39.14
N THR A 141 -19.26 -2.65 -39.23
CA THR A 141 -19.26 -1.23 -39.50
C THR A 141 -19.38 -0.45 -38.20
N PRO A 142 -19.14 0.86 -38.22
CA PRO A 142 -19.26 1.63 -36.98
C PRO A 142 -20.62 1.51 -36.32
N THR A 143 -21.67 1.23 -37.08
CA THR A 143 -23.00 1.01 -36.53
C THR A 143 -23.22 -0.43 -36.08
N GLY A 144 -22.26 -1.32 -36.33
CA GLY A 144 -22.42 -2.73 -36.01
C GLY A 144 -23.07 -3.54 -37.11
N GLN A 145 -23.27 -2.98 -38.29
CA GLN A 145 -23.87 -3.71 -39.39
C GLN A 145 -22.88 -4.68 -40.00
N VAL A 146 -23.39 -5.82 -40.45
CA VAL A 146 -22.59 -6.86 -41.07
C VAL A 146 -22.74 -6.73 -42.58
N VAL A 147 -21.61 -6.61 -43.27
CA VAL A 147 -21.62 -6.32 -44.70
C VAL A 147 -20.82 -7.38 -45.45
N PRO A 148 -21.10 -7.63 -46.72
CA PRO A 148 -20.36 -8.64 -47.49
C PRO A 148 -19.01 -8.12 -48.03
N GLN A 149 -18.02 -8.13 -47.15
CA GLN A 149 -16.69 -7.64 -47.48
C GLN A 149 -15.66 -8.69 -47.11
N LEU A 150 -14.60 -8.79 -47.90
CA LEU A 150 -13.51 -9.73 -47.66
C LEU A 150 -12.31 -8.98 -47.12
N LEU A 151 -11.82 -9.41 -45.96
CA LEU A 151 -10.67 -8.81 -45.31
C LEU A 151 -9.52 -9.80 -45.22
N GLN A 152 -8.30 -9.26 -45.28
CA GLN A 152 -7.08 -10.04 -45.07
C GLN A 152 -6.37 -9.50 -43.84
N TYR A 153 -6.13 -10.38 -42.88
CA TYR A 153 -5.32 -10.12 -41.70
C TYR A 153 -3.97 -10.82 -41.89
N MET A 154 -2.89 -10.07 -41.83
CA MET A 154 -1.55 -10.63 -41.93
C MET A 154 -0.77 -10.30 -40.66
N PHE A 155 -0.13 -11.33 -40.10
CA PHE A 155 0.76 -11.15 -38.96
C PHE A 155 2.17 -10.97 -39.51
N VAL A 156 2.74 -9.80 -39.29
CA VAL A 156 4.07 -9.48 -39.81
C VAL A 156 5.04 -9.50 -38.64
N PRO A 157 5.87 -10.53 -38.49
CA PRO A 157 6.82 -10.56 -37.38
C PRO A 157 7.91 -9.53 -37.56
N PRO A 158 8.64 -9.19 -36.50
CA PRO A 158 9.67 -8.15 -36.63
C PRO A 158 10.68 -8.49 -37.71
N GLY A 159 11.03 -7.47 -38.50
CA GLY A 159 11.96 -7.62 -39.59
C GLY A 159 11.30 -7.87 -40.93
N ALA A 160 10.07 -8.38 -40.94
CA ALA A 160 9.37 -8.62 -42.17
C ALA A 160 8.87 -7.30 -42.75
N PRO A 161 8.62 -7.25 -44.06
CA PRO A 161 8.21 -5.97 -44.68
C PRO A 161 6.78 -5.62 -44.33
N LYS A 162 6.60 -4.42 -43.76
CA LYS A 162 5.23 -4.00 -43.49
C LYS A 162 4.59 -3.47 -44.78
N PRO A 163 3.31 -3.77 -45.02
CA PRO A 163 2.65 -3.22 -46.21
C PRO A 163 2.45 -1.72 -46.10
N GLU A 164 2.66 -1.02 -47.21
CA GLU A 164 2.45 0.42 -47.27
C GLU A 164 1.23 0.81 -48.08
N SER A 165 0.65 -0.14 -48.83
CA SER A 165 -0.59 0.07 -49.56
C SER A 165 -1.35 -1.22 -49.54
N ARG A 166 -2.66 -1.15 -49.82
CA ARG A 166 -3.42 -2.39 -49.94
C ARG A 166 -3.05 -3.16 -51.20
N GLU A 167 -2.37 -2.53 -52.14
CA GLU A 167 -1.83 -3.19 -53.32
C GLU A 167 -0.43 -3.73 -53.09
N SER A 168 0.14 -3.49 -51.91
CA SER A 168 1.53 -3.85 -51.66
C SER A 168 1.76 -5.33 -51.92
N LEU A 169 2.93 -5.64 -52.48
CA LEU A 169 3.30 -7.03 -52.72
C LEU A 169 3.44 -7.81 -51.43
N ALA A 170 3.63 -7.13 -50.30
CA ALA A 170 3.75 -7.82 -49.03
C ALA A 170 2.51 -8.67 -48.74
N TRP A 171 1.36 -8.30 -49.30
CA TRP A 171 0.14 -9.05 -49.08
C TRP A 171 0.12 -10.39 -49.79
N GLN A 172 1.19 -10.76 -50.49
CA GLN A 172 1.24 -12.09 -51.10
C GLN A 172 1.43 -13.18 -50.06
N THR A 173 1.97 -12.85 -48.89
CA THR A 173 2.01 -13.74 -47.73
C THR A 173 2.64 -15.09 -48.09
N ALA A 174 3.69 -15.05 -48.91
CA ALA A 174 4.37 -16.29 -49.27
C ALA A 174 4.80 -17.06 -48.03
N THR A 175 5.19 -16.35 -46.96
CA THR A 175 5.63 -16.98 -45.73
C THR A 175 4.96 -16.45 -44.48
N ASN A 176 4.40 -15.24 -44.51
CA ASN A 176 3.76 -14.67 -43.33
C ASN A 176 2.41 -15.33 -43.09
N PRO A 177 2.03 -15.59 -41.84
CA PRO A 177 0.67 -16.09 -41.56
C PRO A 177 -0.36 -15.06 -41.96
N SER A 178 -1.46 -15.54 -42.55
CA SER A 178 -2.54 -14.67 -42.99
C SER A 178 -3.87 -15.39 -42.86
N VAL A 179 -4.93 -14.59 -42.83
CA VAL A 179 -6.30 -15.08 -42.67
C VAL A 179 -7.21 -14.24 -43.56
N PHE A 180 -7.97 -14.91 -44.42
CA PHE A 180 -8.98 -14.26 -45.25
C PHE A 180 -10.35 -14.57 -44.66
N VAL A 181 -11.10 -13.53 -44.30
CA VAL A 181 -12.42 -13.70 -43.70
C VAL A 181 -13.42 -12.76 -44.35
N LYS A 182 -14.59 -13.30 -44.67
CA LYS A 182 -15.73 -12.47 -45.04
C LYS A 182 -16.36 -11.90 -43.77
N LEU A 183 -16.81 -10.65 -43.85
CA LEU A 183 -17.44 -10.04 -42.68
C LEU A 183 -18.73 -10.73 -42.28
N THR A 184 -19.35 -11.49 -43.18
CA THR A 184 -20.54 -12.25 -42.84
C THR A 184 -20.22 -13.55 -42.13
N ASP A 185 -18.97 -14.00 -42.17
CA ASP A 185 -18.56 -15.19 -41.46
C ASP A 185 -18.50 -14.90 -39.97
N PRO A 186 -18.44 -15.93 -39.14
CA PRO A 186 -18.20 -15.72 -37.72
C PRO A 186 -16.91 -14.97 -37.49
N PRO A 187 -16.62 -14.56 -36.26
CA PRO A 187 -15.34 -13.91 -35.98
C PRO A 187 -14.18 -14.86 -36.27
N ALA A 188 -13.04 -14.27 -36.63
CA ALA A 188 -11.88 -15.06 -37.00
C ALA A 188 -11.04 -15.35 -35.77
N GLN A 189 -10.80 -16.62 -35.47
CA GLN A 189 -10.15 -17.02 -34.24
C GLN A 189 -8.92 -17.86 -34.55
N VAL A 190 -7.77 -17.45 -34.00
CA VAL A 190 -6.52 -18.16 -34.17
C VAL A 190 -5.83 -18.27 -32.83
N SER A 191 -4.87 -19.18 -32.73
CA SER A 191 -4.04 -19.32 -31.54
C SER A 191 -2.60 -19.01 -31.89
N VAL A 192 -1.95 -18.22 -31.05
CA VAL A 192 -0.58 -17.76 -31.23
C VAL A 192 0.28 -18.39 -30.14
N PRO A 193 1.47 -18.87 -30.44
CA PRO A 193 2.34 -19.44 -29.41
C PRO A 193 3.04 -18.34 -28.63
N PHE A 194 3.94 -18.76 -27.74
CA PHE A 194 4.78 -17.85 -26.99
C PHE A 194 6.01 -17.55 -27.85
N MET A 195 6.09 -16.33 -28.37
CA MET A 195 7.05 -15.97 -29.41
C MET A 195 8.15 -15.05 -28.92
N SER A 196 8.30 -14.88 -27.64
CA SER A 196 9.33 -13.98 -27.18
C SER A 196 10.71 -14.64 -27.20
N PRO A 197 11.78 -13.89 -27.47
CA PRO A 197 13.13 -14.46 -27.33
C PRO A 197 13.50 -14.79 -25.90
N ALA A 198 12.78 -14.25 -24.91
CA ALA A 198 13.05 -14.53 -23.51
C ALA A 198 12.03 -15.54 -22.98
N SER A 199 12.26 -16.00 -21.76
CA SER A 199 11.41 -17.03 -21.18
C SER A 199 10.00 -16.55 -20.87
N ALA A 200 9.79 -15.24 -20.78
CA ALA A 200 8.47 -14.72 -20.49
C ALA A 200 8.39 -13.27 -20.96
N TYR A 201 7.17 -12.84 -21.28
CA TYR A 201 6.93 -11.42 -21.48
C TYR A 201 7.05 -10.70 -20.15
N GLN A 202 7.55 -9.47 -20.20
CA GLN A 202 7.64 -8.62 -19.01
C GLN A 202 6.98 -7.29 -19.32
N TRP A 203 5.98 -6.93 -18.52
CA TRP A 203 5.30 -5.66 -18.71
C TRP A 203 6.09 -4.49 -18.14
N PHE A 204 7.13 -4.76 -17.37
CA PHE A 204 7.96 -3.73 -16.76
C PHE A 204 9.42 -4.08 -17.02
N TYR A 205 10.10 -3.22 -17.78
CA TYR A 205 11.50 -3.39 -18.11
C TYR A 205 12.24 -2.15 -17.63
N ASP A 206 12.88 -2.25 -16.47
CA ASP A 206 13.62 -1.13 -15.89
C ASP A 206 15.00 -1.05 -16.54
N GLY A 207 15.05 -0.43 -17.70
CA GLY A 207 16.31 -0.28 -18.38
C GLY A 207 16.12 0.23 -19.79
N TYR A 208 17.25 0.34 -20.50
CA TYR A 208 17.29 0.79 -21.87
C TYR A 208 17.66 -0.35 -22.80
N PRO A 209 17.19 -0.33 -24.04
CA PRO A 209 17.50 -1.44 -24.96
C PRO A 209 18.89 -1.36 -25.56
N THR A 210 19.48 -0.17 -25.56
CA THR A 210 20.75 0.06 -26.24
C THR A 210 21.77 0.66 -25.29
N PHE A 211 23.04 0.55 -25.67
CA PHE A 211 24.14 1.15 -24.93
C PHE A 211 24.30 2.61 -25.34
N GLY A 212 25.31 3.25 -24.78
CA GLY A 212 25.65 4.62 -25.12
C GLY A 212 25.09 5.62 -24.13
N GLU A 213 25.36 6.89 -24.40
CA GLU A 213 24.85 7.96 -23.56
C GLU A 213 23.34 8.05 -23.69
N HIS A 214 22.67 8.30 -22.58
CA HIS A 214 21.20 8.35 -22.54
C HIS A 214 20.79 9.79 -22.35
N LYS A 215 20.62 10.50 -23.47
CA LYS A 215 20.22 11.89 -23.45
C LYS A 215 18.70 12.01 -23.43
N GLN A 216 18.22 13.22 -23.16
CA GLN A 216 16.78 13.43 -23.05
C GLN A 216 16.07 13.10 -24.36
N GLU A 217 16.68 13.39 -25.49
CA GLU A 217 16.02 13.17 -26.78
C GLU A 217 15.75 11.70 -27.05
N LYS A 218 16.37 10.78 -26.31
CA LYS A 218 16.11 9.35 -26.44
C LYS A 218 15.41 8.79 -25.21
N ASP A 219 14.83 9.64 -24.36
CA ASP A 219 14.21 9.15 -23.14
C ASP A 219 13.08 8.17 -23.44
N LEU A 220 12.43 8.32 -24.59
CA LEU A 220 11.35 7.40 -24.95
C LEU A 220 11.83 5.97 -25.11
N GLU A 221 13.13 5.74 -25.23
CA GLU A 221 13.66 4.38 -25.25
C GLU A 221 13.69 3.75 -23.87
N TYR A 222 13.48 4.51 -22.81
CA TYR A 222 13.46 3.95 -21.48
C TYR A 222 12.22 3.08 -21.30
N GLY A 223 12.42 1.87 -20.80
CA GLY A 223 11.33 0.95 -20.56
C GLY A 223 10.91 0.13 -21.77
N ALA A 224 11.54 0.34 -22.92
CA ALA A 224 11.18 -0.38 -24.14
C ALA A 224 11.88 -1.73 -24.17
N CYS A 225 11.10 -2.81 -24.12
CA CYS A 225 11.65 -4.15 -24.13
C CYS A 225 11.43 -4.76 -25.51
N PRO A 226 12.48 -4.95 -26.33
CA PRO A 226 12.27 -5.58 -27.63
C PRO A 226 11.72 -6.99 -27.53
N ASN A 227 11.98 -7.71 -26.45
CA ASN A 227 11.42 -9.05 -26.29
C ASN A 227 9.91 -9.04 -26.25
N ASN A 228 9.29 -7.89 -25.99
CA ASN A 228 7.85 -7.77 -25.99
C ASN A 228 7.28 -7.39 -27.34
N MET A 229 8.10 -6.91 -28.27
CA MET A 229 7.65 -6.49 -29.59
C MET A 229 7.57 -7.71 -30.49
N MET A 230 6.37 -8.24 -30.66
CA MET A 230 6.13 -9.48 -31.39
C MET A 230 5.68 -9.26 -32.82
N GLY A 231 5.80 -8.04 -33.33
CA GLY A 231 5.45 -7.76 -34.71
C GLY A 231 4.24 -6.88 -34.83
N THR A 232 3.60 -6.87 -35.99
CA THR A 232 2.44 -6.04 -36.23
C THR A 232 1.32 -6.88 -36.86
N PHE A 233 0.10 -6.37 -36.73
CA PHE A 233 -1.08 -6.97 -37.32
C PHE A 233 -1.58 -6.00 -38.38
N SER A 234 -1.56 -6.42 -39.64
CA SER A 234 -1.96 -5.58 -40.75
C SER A 234 -3.25 -6.09 -41.35
N VAL A 235 -4.20 -5.19 -41.58
CA VAL A 235 -5.51 -5.55 -42.09
C VAL A 235 -5.78 -4.74 -43.34
N ARG A 236 -6.25 -5.40 -44.39
CA ARG A 236 -6.64 -4.70 -45.60
C ARG A 236 -7.94 -5.27 -46.14
N THR A 237 -8.65 -4.45 -46.90
CA THR A 237 -9.76 -4.93 -47.70
C THR A 237 -9.19 -5.54 -48.98
N VAL A 238 -9.48 -6.82 -49.21
CA VAL A 238 -8.85 -7.53 -50.31
C VAL A 238 -9.45 -7.04 -51.61
N GLY A 239 -8.76 -6.14 -52.29
CA GLY A 239 -9.23 -5.63 -53.55
C GLY A 239 -8.31 -4.53 -54.04
N SER A 240 -8.39 -4.27 -55.34
CA SER A 240 -7.62 -3.21 -55.97
C SER A 240 -8.36 -1.89 -55.97
N SER A 241 -9.60 -1.86 -55.48
CA SER A 241 -10.42 -0.67 -55.44
C SER A 241 -10.85 -0.40 -54.01
N LYS A 242 -11.09 0.87 -53.70
CA LYS A 242 -11.46 1.23 -52.34
C LYS A 242 -12.75 0.53 -51.93
N SER A 243 -12.77 0.02 -50.71
CA SER A 243 -13.96 -0.61 -50.19
C SER A 243 -15.10 0.41 -50.09
N LYS A 244 -16.32 -0.08 -50.27
CA LYS A 244 -17.51 0.76 -50.19
C LYS A 244 -18.15 0.76 -48.81
N TYR A 245 -17.58 0.04 -47.85
CA TYR A 245 -18.10 -0.02 -46.49
C TYR A 245 -17.05 0.48 -45.51
N ALA A 246 -17.47 1.35 -44.59
CA ALA A 246 -16.61 1.78 -43.50
C ALA A 246 -16.51 0.65 -42.49
N LEU A 247 -15.28 0.30 -42.11
CA LEU A 247 -15.05 -0.90 -41.33
C LEU A 247 -14.35 -0.59 -40.00
N VAL A 248 -14.66 -1.42 -39.01
CA VAL A 248 -14.00 -1.40 -37.71
C VAL A 248 -13.73 -2.84 -37.30
N VAL A 249 -12.52 -3.09 -36.83
CA VAL A 249 -12.10 -4.44 -36.41
C VAL A 249 -11.71 -4.38 -34.94
N ARG A 250 -12.41 -5.13 -34.11
CA ARG A 250 -12.08 -5.25 -32.69
C ARG A 250 -11.34 -6.55 -32.45
N ILE A 251 -10.21 -6.47 -31.77
CA ILE A 251 -9.32 -7.60 -31.55
C ILE A 251 -9.36 -7.94 -30.07
N TYR A 252 -9.76 -9.17 -29.75
CA TYR A 252 -9.81 -9.70 -28.41
C TYR A 252 -8.76 -10.78 -28.26
N MET A 253 -8.27 -10.95 -27.04
CA MET A 253 -7.24 -11.94 -26.76
C MET A 253 -7.54 -12.60 -25.43
N ARG A 254 -7.46 -13.92 -25.39
CA ARG A 254 -7.50 -14.67 -24.14
C ARG A 254 -6.25 -15.52 -24.01
N MET A 255 -5.66 -15.48 -22.82
CA MET A 255 -4.45 -16.24 -22.55
C MET A 255 -4.80 -17.67 -22.13
N LYS A 256 -3.86 -18.58 -22.37
CA LYS A 256 -4.02 -19.95 -21.93
C LYS A 256 -2.63 -20.53 -21.69
N HIS A 257 -2.57 -21.51 -20.79
CA HIS A 257 -1.30 -22.11 -20.39
C HIS A 257 -0.41 -21.07 -19.71
N VAL A 258 -1.01 -20.31 -18.81
CA VAL A 258 -0.39 -19.10 -18.25
C VAL A 258 0.55 -19.47 -17.12
N ARG A 259 1.68 -18.78 -17.06
CA ARG A 259 2.62 -18.85 -15.95
C ARG A 259 3.06 -17.45 -15.60
N ALA A 260 2.88 -17.06 -14.34
CA ALA A 260 3.15 -15.71 -13.90
C ALA A 260 4.18 -15.72 -12.78
N TRP A 261 5.00 -14.67 -12.75
CA TRP A 261 6.03 -14.50 -11.73
C TRP A 261 6.05 -13.06 -11.24
N ILE A 262 6.43 -12.91 -9.98
CA ILE A 262 6.70 -11.63 -9.33
C ILE A 262 5.45 -10.76 -9.28
N PRO A 263 4.49 -11.07 -8.41
CA PRO A 263 3.32 -10.18 -8.29
C PRO A 263 3.73 -8.78 -7.87
N ARG A 264 2.98 -7.80 -8.34
CA ARG A 264 3.27 -6.39 -8.15
C ARG A 264 2.07 -5.68 -7.55
N PRO A 265 2.27 -4.52 -6.95
CA PRO A 265 1.13 -3.66 -6.60
C PRO A 265 0.32 -3.32 -7.83
N MET A 266 -1.00 -3.33 -7.67
CA MET A 266 -1.91 -3.09 -8.79
C MET A 266 -2.06 -1.60 -9.05
N ARG A 267 -2.17 -1.23 -10.32
CA ARG A 267 -2.34 0.15 -10.72
C ARG A 267 -3.54 0.77 -10.02
N ASN A 268 -3.35 1.97 -9.45
CA ASN A 268 -4.45 2.71 -8.84
C ASN A 268 -4.56 4.12 -9.39
N GLN A 269 -3.87 4.44 -10.48
CA GLN A 269 -3.99 5.72 -11.16
C GLN A 269 -4.45 5.49 -12.60
N ASN A 270 -5.04 6.52 -13.18
CA ASN A 270 -5.45 6.43 -14.58
C ASN A 270 -4.24 6.19 -15.46
N TYR A 271 -4.42 5.37 -16.49
CA TYR A 271 -3.39 5.16 -17.49
C TYR A 271 -3.39 6.32 -18.48
N LEU A 272 -2.19 6.73 -18.90
CA LEU A 272 -2.03 7.82 -19.85
C LEU A 272 -1.46 7.36 -21.19
N PHE A 273 -0.43 6.54 -21.19
CA PHE A 273 0.24 6.12 -22.41
C PHE A 273 0.50 4.62 -22.34
N LYS A 274 0.94 4.07 -23.47
CA LYS A 274 1.21 2.64 -23.58
C LYS A 274 2.65 2.34 -23.17
N ALA A 275 2.81 1.25 -22.42
CA ALA A 275 4.13 0.76 -22.04
C ALA A 275 4.95 1.81 -21.28
N ASN A 276 4.30 2.53 -20.38
CA ASN A 276 5.01 3.31 -19.37
C ASN A 276 4.07 3.60 -18.22
N PRO A 277 4.58 3.72 -16.98
CA PRO A 277 3.69 3.94 -15.84
C PRO A 277 3.32 5.41 -15.63
N ASN A 278 3.52 6.25 -16.64
CA ASN A 278 3.23 7.67 -16.51
C ASN A 278 1.87 7.90 -15.85
N TYR A 279 1.78 8.96 -15.04
CA TYR A 279 0.56 9.29 -14.33
C TYR A 279 0.50 10.79 -14.14
N ALA A 280 -0.72 11.30 -13.93
CA ALA A 280 -0.92 12.74 -13.75
C ALA A 280 -0.51 13.14 -12.34
N GLY A 281 0.58 13.91 -12.24
CA GLY A 281 1.08 14.30 -10.93
C GLY A 281 0.22 15.32 -10.22
N ASP A 282 -0.59 16.07 -10.96
CA ASP A 282 -1.46 17.08 -10.38
C ASP A 282 -2.86 16.55 -10.09
N SER A 283 -3.11 15.27 -10.35
CA SER A 283 -4.43 14.67 -10.10
C SER A 283 -4.28 13.32 -9.43
N ILE A 284 -3.29 13.19 -8.55
CA ILE A 284 -3.10 11.94 -7.81
C ILE A 284 -4.29 11.75 -6.88
N LYS A 285 -4.79 10.52 -6.82
CA LYS A 285 -5.98 10.23 -6.05
C LYS A 285 -5.75 9.06 -5.11
N PRO A 286 -6.45 9.01 -3.98
CA PRO A 286 -6.33 7.85 -3.10
C PRO A 286 -6.84 6.59 -3.75
N THR A 287 -6.41 5.44 -3.20
CA THR A 287 -6.80 4.16 -3.77
C THR A 287 -8.30 3.95 -3.71
N GLY A 288 -8.93 4.35 -2.62
CA GLY A 288 -10.35 4.14 -2.44
C GLY A 288 -11.10 5.37 -1.98
N THR A 289 -12.33 5.19 -1.54
CA THR A 289 -13.13 6.31 -1.06
C THR A 289 -12.61 6.80 0.28
N SER A 290 -13.01 8.03 0.63
CA SER A 290 -12.60 8.68 1.86
C SER A 290 -13.82 9.04 2.68
N ARG A 291 -13.73 8.85 4.00
CA ARG A 291 -14.82 9.19 4.89
C ARG A 291 -14.45 10.43 5.71
N ASN A 292 -15.43 10.93 6.45
CA ASN A 292 -15.28 12.20 7.15
C ASN A 292 -14.31 12.08 8.32
N ALA A 293 -14.47 11.04 9.13
CA ALA A 293 -13.65 10.89 10.33
C ALA A 293 -13.30 9.42 10.53
N ILE A 294 -12.14 9.20 11.14
CA ILE A 294 -11.69 7.86 11.46
C ILE A 294 -12.57 7.19 12.51
N THR A 295 -13.25 7.96 13.34
CA THR A 295 -14.09 7.44 14.41
C THR A 295 -15.53 7.19 13.99
N THR A 296 -15.92 7.60 12.79
CA THR A 296 -17.28 7.40 12.30
C THR A 296 -17.24 6.73 10.95
N LEU A 297 -18.30 5.98 10.65
CA LEU A 297 -18.39 5.25 9.39
C LEU A 297 -18.85 6.16 8.26
N SER B 10 18.67 -14.82 20.44
CA SER B 10 19.24 -15.73 19.45
C SER B 10 18.75 -15.38 18.05
N ASP B 11 17.49 -14.97 17.97
CA ASP B 11 16.89 -14.57 16.70
C ASP B 11 16.98 -13.08 16.45
N ARG B 12 17.38 -12.28 17.44
CA ARG B 12 17.55 -10.85 17.26
C ARG B 12 19.00 -10.45 17.01
N VAL B 13 19.96 -11.23 17.50
CA VAL B 13 21.37 -11.01 17.21
C VAL B 13 21.74 -11.85 16.01
N ALA B 14 22.51 -11.26 15.09
CA ALA B 14 22.89 -11.94 13.87
C ALA B 14 24.23 -11.42 13.39
N GLN B 15 24.90 -12.25 12.60
CA GLN B 15 26.18 -11.89 11.97
C GLN B 15 26.14 -12.36 10.53
N LEU B 16 26.31 -11.43 9.60
CA LEU B 16 26.37 -11.72 8.18
C LEU B 16 27.81 -11.55 7.73
N THR B 17 28.49 -12.66 7.47
CA THR B 17 29.88 -12.63 7.04
C THR B 17 29.96 -13.12 5.61
N ILE B 18 30.56 -12.30 4.74
CA ILE B 18 30.77 -12.69 3.35
C ILE B 18 32.00 -11.97 2.84
N GLY B 19 32.81 -12.68 2.04
CA GLY B 19 34.05 -12.11 1.59
C GLY B 19 34.93 -11.73 2.76
N ASN B 20 35.51 -10.53 2.70
CA ASN B 20 36.30 -9.99 3.79
C ASN B 20 35.49 -9.01 4.63
N SER B 21 34.16 -9.13 4.62
CA SER B 21 33.29 -8.21 5.32
C SER B 21 32.40 -8.96 6.30
N THR B 22 32.06 -8.29 7.40
CA THR B 22 31.22 -8.85 8.44
C THR B 22 30.33 -7.76 9.00
N ILE B 23 29.03 -8.03 9.10
CA ILE B 23 28.07 -7.13 9.72
C ILE B 23 27.53 -7.82 10.97
N THR B 24 27.66 -7.17 12.11
CA THR B 24 27.07 -7.65 13.35
C THR B 24 25.89 -6.77 13.72
N THR B 25 24.79 -7.40 14.11
CA THR B 25 23.60 -6.67 14.50
C THR B 25 23.02 -7.32 15.74
N GLN B 26 22.46 -6.52 16.63
CA GLN B 26 21.88 -7.02 17.88
C GLN B 26 20.39 -6.78 17.96
N GLU B 27 19.91 -5.63 17.49
CA GLU B 27 18.50 -5.31 17.47
C GLU B 27 18.00 -5.55 16.04
N ALA B 28 17.77 -6.81 15.71
CA ALA B 28 17.44 -7.21 14.35
C ALA B 28 16.24 -8.14 14.37
N ALA B 29 15.53 -8.16 13.24
CA ALA B 29 14.46 -9.13 13.03
C ALA B 29 15.06 -10.34 12.32
N ASN B 30 14.21 -11.23 11.82
CA ASN B 30 14.68 -12.41 11.12
C ASN B 30 15.33 -11.96 9.81
N ILE B 31 15.73 -12.92 8.98
CA ILE B 31 16.26 -12.63 7.64
C ILE B 31 15.25 -13.13 6.62
N ILE B 32 14.95 -12.29 5.63
CA ILE B 32 14.01 -12.62 4.58
C ILE B 32 14.77 -13.09 3.35
N VAL B 33 14.40 -14.24 2.82
CA VAL B 33 14.96 -14.78 1.59
C VAL B 33 13.92 -14.57 0.50
N GLY B 34 14.06 -13.48 -0.24
CA GLY B 34 13.07 -13.09 -1.23
C GLY B 34 12.56 -14.21 -2.10
N TYR B 35 11.27 -14.51 -1.99
CA TYR B 35 10.62 -15.56 -2.76
C TYR B 35 11.10 -16.95 -2.38
N GLY B 36 11.75 -17.08 -1.23
CA GLY B 36 12.12 -18.37 -0.68
C GLY B 36 13.28 -19.04 -1.35
N GLU B 37 14.05 -18.33 -2.16
CA GLU B 37 15.17 -18.92 -2.90
C GLU B 37 16.45 -18.16 -2.61
N TRP B 38 17.52 -18.90 -2.43
CA TRP B 38 18.83 -18.29 -2.28
C TRP B 38 19.45 -18.07 -3.66
N PRO B 39 20.32 -17.07 -3.78
CA PRO B 39 21.02 -16.90 -5.06
C PRO B 39 21.89 -18.11 -5.36
N SER B 40 22.00 -18.41 -6.66
CA SER B 40 22.76 -19.56 -7.11
C SER B 40 23.35 -19.24 -8.48
N TYR B 41 24.20 -20.13 -8.96
CA TYR B 41 24.82 -19.97 -10.26
C TYR B 41 23.94 -20.56 -11.35
N CYS B 42 23.99 -19.96 -12.53
CA CYS B 42 23.18 -20.42 -13.64
C CYS B 42 23.57 -21.83 -14.01
N SER B 43 22.57 -22.70 -14.19
CA SER B 43 22.84 -24.09 -14.50
C SER B 43 23.12 -24.27 -15.98
N ASP B 44 23.70 -25.42 -16.32
CA ASP B 44 24.06 -25.68 -17.71
C ASP B 44 22.81 -25.76 -18.60
N ASP B 45 21.68 -26.19 -18.05
CA ASP B 45 20.46 -26.25 -18.83
C ASP B 45 19.83 -24.88 -19.01
N ASP B 46 19.92 -24.00 -18.02
CA ASP B 46 19.38 -22.66 -18.15
C ASP B 46 20.27 -21.75 -19.00
N ALA B 47 21.59 -21.93 -18.92
CA ALA B 47 22.50 -21.04 -19.62
C ALA B 47 22.34 -21.17 -21.13
N THR B 48 22.69 -20.10 -21.84
CA THR B 48 22.63 -20.10 -23.29
C THR B 48 23.95 -19.64 -23.90
N ALA B 49 24.69 -18.78 -23.20
CA ALA B 49 25.96 -18.29 -23.69
C ALA B 49 27.06 -19.33 -23.49
N VAL B 50 27.92 -19.47 -24.49
CA VAL B 50 28.83 -20.61 -24.54
C VAL B 50 30.18 -20.33 -23.86
N ASP B 51 30.63 -19.07 -23.85
CA ASP B 51 31.90 -18.76 -23.22
C ASP B 51 31.83 -19.02 -21.72
N LYS B 52 32.96 -19.43 -21.15
CA LYS B 52 32.98 -19.78 -19.73
C LYS B 52 32.78 -18.53 -18.89
N PRO B 53 31.88 -18.55 -17.90
CA PRO B 53 31.70 -17.37 -17.06
C PRO B 53 32.88 -17.14 -16.12
N THR B 54 32.94 -15.92 -15.60
CA THR B 54 33.91 -15.54 -14.60
C THR B 54 33.23 -15.45 -13.24
N ARG B 55 33.81 -16.10 -12.23
CA ARG B 55 33.28 -16.13 -10.87
C ARG B 55 34.37 -15.69 -9.90
N PRO B 56 34.51 -14.38 -9.66
CA PRO B 56 35.52 -13.94 -8.67
C PRO B 56 35.25 -14.47 -7.27
N ASP B 57 34.05 -14.24 -6.75
CA ASP B 57 33.52 -14.91 -5.57
C ASP B 57 34.10 -14.46 -4.23
N VAL B 58 35.17 -13.69 -4.24
CA VAL B 58 35.69 -13.16 -2.97
C VAL B 58 35.94 -11.66 -3.08
N SER B 59 36.22 -11.20 -4.30
CA SER B 59 36.52 -9.79 -4.53
C SER B 59 35.31 -9.00 -5.02
N VAL B 60 34.20 -9.67 -5.31
CA VAL B 60 32.97 -9.01 -5.74
C VAL B 60 31.83 -9.37 -4.80
N ASN B 61 31.88 -10.57 -4.24
CA ASN B 61 30.83 -11.05 -3.34
C ASN B 61 31.21 -10.62 -1.93
N ARG B 62 30.90 -9.36 -1.61
CA ARG B 62 31.26 -8.77 -0.32
C ARG B 62 30.35 -7.58 -0.08
N PHE B 63 30.29 -7.15 1.17
CA PHE B 63 29.45 -6.02 1.54
C PHE B 63 30.11 -4.70 1.13
N TYR B 64 29.35 -3.85 0.47
CA TYR B 64 29.72 -2.48 0.17
C TYR B 64 28.73 -1.55 0.85
N THR B 65 29.22 -0.47 1.43
CA THR B 65 28.39 0.58 2.00
C THR B 65 28.31 1.72 1.00
N LEU B 66 27.11 2.02 0.53
CA LEU B 66 26.95 2.98 -0.56
C LEU B 66 27.07 4.42 -0.05
N ASP B 67 26.14 4.82 0.80
CA ASP B 67 26.07 6.20 1.28
C ASP B 67 24.92 6.27 2.27
N THR B 68 24.83 7.40 2.97
CA THR B 68 23.93 7.57 4.10
C THR B 68 22.94 8.68 3.82
N LYS B 69 21.66 8.41 4.11
CA LYS B 69 20.61 9.41 4.06
C LYS B 69 20.29 9.89 5.46
N LEU B 70 19.65 11.05 5.55
CA LEU B 70 19.21 11.60 6.83
C LEU B 70 17.70 11.46 6.92
N TRP B 71 17.22 10.76 7.94
CA TRP B 71 15.79 10.58 8.16
C TRP B 71 15.30 11.77 8.99
N GLU B 72 14.58 12.67 8.35
CA GLU B 72 13.99 13.82 9.00
C GLU B 72 12.50 13.58 9.19
N LYS B 73 11.86 14.50 9.92
CA LYS B 73 10.45 14.30 10.25
C LYS B 73 9.53 14.44 9.05
N SER B 74 10.05 14.90 7.91
CA SER B 74 9.23 15.11 6.71
C SER B 74 9.86 14.46 5.48
N SER B 75 10.48 13.29 5.66
CA SER B 75 11.09 12.59 4.54
C SER B 75 10.05 11.84 3.73
N LYS B 76 10.14 11.97 2.41
CA LYS B 76 9.26 11.22 1.52
C LYS B 76 9.70 9.77 1.38
N GLY B 77 11.00 9.53 1.36
CA GLY B 77 11.53 8.20 1.08
C GLY B 77 12.48 8.24 -0.09
N TRP B 78 13.29 7.19 -0.26
CA TRP B 78 14.31 7.14 -1.28
C TRP B 78 14.29 5.78 -1.97
N TYR B 79 14.88 5.73 -3.16
CA TYR B 79 15.04 4.46 -3.85
C TYR B 79 16.41 4.39 -4.51
N TRP B 80 16.89 3.16 -4.65
CA TRP B 80 18.13 2.84 -5.35
C TRP B 80 17.81 1.77 -6.39
N LYS B 81 18.65 1.69 -7.41
CA LYS B 81 18.48 0.69 -8.47
C LYS B 81 19.62 -0.31 -8.41
N PHE B 82 19.27 -1.59 -8.36
CA PHE B 82 20.23 -2.67 -8.37
C PHE B 82 20.18 -3.38 -9.71
N PRO B 83 21.33 -3.65 -10.35
CA PRO B 83 22.71 -3.49 -9.85
C PRO B 83 23.38 -2.15 -10.15
N ASP B 84 22.59 -1.09 -10.39
CA ASP B 84 23.17 0.18 -10.80
C ASP B 84 24.02 0.82 -9.71
N VAL B 85 23.70 0.56 -8.44
CA VAL B 85 24.41 1.19 -7.33
C VAL B 85 25.89 0.79 -7.32
N LEU B 86 26.24 -0.37 -7.84
CA LEU B 86 27.60 -0.88 -7.79
C LEU B 86 28.35 -0.76 -9.11
N THR B 87 27.78 -0.13 -10.12
CA THR B 87 28.44 -0.08 -11.41
C THR B 87 29.69 0.80 -11.41
N GLU B 88 30.10 1.37 -10.29
CA GLU B 88 31.32 2.17 -10.25
C GLU B 88 32.16 1.90 -9.00
N THR B 89 31.87 0.85 -8.24
CA THR B 89 32.48 0.62 -6.93
C THR B 89 33.21 -0.71 -6.91
N GLY B 90 34.54 -0.65 -6.86
CA GLY B 90 35.34 -1.82 -6.57
C GLY B 90 35.47 -2.80 -7.74
N VAL B 91 35.92 -4.00 -7.37
CA VAL B 91 36.16 -5.04 -8.36
C VAL B 91 34.86 -5.47 -9.00
N PHE B 92 33.73 -5.40 -8.27
CA PHE B 92 32.46 -5.70 -8.91
C PHE B 92 32.14 -4.67 -9.99
N GLY B 93 32.38 -3.39 -9.72
CA GLY B 93 32.15 -2.39 -10.74
C GLY B 93 33.03 -2.61 -11.95
N GLN B 94 34.30 -2.96 -11.71
CA GLN B 94 35.19 -3.23 -12.83
C GLN B 94 34.71 -4.41 -13.65
N ASN B 95 34.29 -5.49 -12.98
CA ASN B 95 33.79 -6.65 -13.70
C ASN B 95 32.55 -6.31 -14.50
N ALA B 96 31.63 -5.54 -13.90
CA ALA B 96 30.39 -5.16 -14.57
C ALA B 96 30.65 -4.24 -15.76
N GLN B 97 31.76 -3.51 -15.74
CA GLN B 97 32.09 -2.67 -16.89
C GLN B 97 32.86 -3.41 -17.98
N PHE B 98 33.70 -4.39 -17.62
CA PHE B 98 34.45 -5.11 -18.63
C PHE B 98 33.62 -6.18 -19.33
N HIS B 99 32.64 -6.74 -18.64
CA HIS B 99 31.85 -7.83 -19.20
C HIS B 99 30.48 -7.33 -19.66
N TYR B 100 30.02 -7.91 -20.77
CA TYR B 100 28.71 -7.58 -21.30
C TYR B 100 27.60 -8.21 -20.46
N LEU B 101 27.77 -9.46 -20.06
CA LEU B 101 26.76 -10.21 -19.33
C LEU B 101 27.13 -10.32 -17.86
N TYR B 102 26.15 -10.05 -17.00
CA TYR B 102 26.31 -10.12 -15.56
C TYR B 102 25.15 -10.90 -14.96
N ARG B 103 25.39 -11.47 -13.78
CA ARG B 103 24.33 -12.15 -13.06
C ARG B 103 24.72 -12.23 -11.59
N SER B 104 23.80 -11.93 -10.69
CA SER B 104 24.06 -12.14 -9.27
C SER B 104 22.81 -11.84 -8.47
N GLY B 105 22.74 -12.46 -7.29
CA GLY B 105 21.78 -12.05 -6.29
C GLY B 105 22.39 -11.03 -5.34
N PHE B 106 21.60 -10.61 -4.37
CA PHE B 106 22.07 -9.59 -3.44
C PHE B 106 21.63 -9.93 -2.02
N CYS B 107 22.37 -9.40 -1.07
CA CYS B 107 21.98 -9.37 0.33
C CYS B 107 22.01 -7.91 0.76
N ILE B 108 20.83 -7.31 0.90
CA ILE B 108 20.70 -5.91 1.27
C ILE B 108 20.51 -5.84 2.78
N HIS B 109 21.18 -4.88 3.40
CA HIS B 109 21.13 -4.66 4.84
C HIS B 109 21.01 -3.16 5.07
N VAL B 110 19.84 -2.71 5.50
CA VAL B 110 19.59 -1.32 5.82
C VAL B 110 19.74 -1.14 7.31
N GLN B 111 20.39 -0.06 7.72
CA GLN B 111 20.72 0.19 9.11
C GLN B 111 20.19 1.55 9.52
N CYS B 112 19.46 1.58 10.63
CA CYS B 112 18.95 2.83 11.18
C CYS B 112 18.75 2.62 12.66
N ASN B 113 19.55 3.31 13.48
CA ASN B 113 19.48 3.16 14.93
C ASN B 113 19.06 4.48 15.57
N ALA B 114 18.32 4.37 16.67
CA ALA B 114 17.85 5.54 17.40
C ALA B 114 17.68 5.13 18.86
N SER B 115 17.49 6.14 19.71
CA SER B 115 17.32 5.87 21.13
C SER B 115 15.95 5.22 21.38
N LYS B 116 15.77 4.75 22.60
CA LYS B 116 14.49 4.20 23.02
C LYS B 116 13.41 5.26 23.16
N PHE B 117 13.77 6.53 23.01
CA PHE B 117 12.82 7.62 23.06
C PHE B 117 12.54 8.21 21.68
N HIS B 118 13.16 7.67 20.63
CA HIS B 118 12.79 7.97 19.25
C HIS B 118 11.73 6.99 18.78
N GLN B 119 10.88 7.44 17.87
CA GLN B 119 9.85 6.58 17.29
C GLN B 119 9.74 6.86 15.81
N GLY B 120 9.21 5.89 15.08
CA GLY B 120 9.05 5.99 13.64
C GLY B 120 9.20 4.61 13.02
N ALA B 121 8.52 4.40 11.91
CA ALA B 121 8.58 3.16 11.17
C ALA B 121 9.10 3.45 9.77
N LEU B 122 9.63 2.41 9.11
CA LEU B 122 10.40 2.61 7.89
C LEU B 122 10.32 1.33 7.08
N LEU B 123 9.52 1.35 6.02
CA LEU B 123 9.38 0.17 5.16
C LEU B 123 10.56 0.09 4.21
N VAL B 124 11.13 -1.12 4.11
CA VAL B 124 12.24 -1.42 3.21
C VAL B 124 11.77 -2.52 2.29
N ALA B 125 11.70 -2.24 1.00
CA ALA B 125 11.10 -3.15 0.04
C ALA B 125 11.99 -3.34 -1.17
N ILE B 126 11.91 -4.53 -1.75
CA ILE B 126 12.54 -4.85 -3.03
C ILE B 126 11.43 -4.93 -4.07
N LEU B 127 11.50 -4.09 -5.08
CA LEU B 127 10.52 -4.08 -6.16
C LEU B 127 11.22 -4.47 -7.46
N PRO B 128 11.07 -5.69 -7.94
CA PRO B 128 11.67 -6.05 -9.23
C PRO B 128 11.09 -5.22 -10.37
N GLU B 129 11.96 -4.87 -11.32
CA GLU B 129 11.56 -4.12 -12.51
C GLU B 129 10.84 -2.82 -12.13
N TYR B 130 11.48 -2.04 -11.26
CA TYR B 130 10.90 -0.81 -10.74
C TYR B 130 11.03 0.27 -11.81
N VAL B 131 10.04 0.34 -12.70
CA VAL B 131 10.02 1.39 -13.73
C VAL B 131 9.50 2.67 -13.09
N ILE B 132 10.10 3.79 -13.47
CA ILE B 132 9.76 5.10 -12.91
C ILE B 132 8.90 5.85 -13.92
N GLY B 133 7.80 6.42 -13.43
CA GLY B 133 6.92 7.23 -14.26
C GLY B 133 6.97 8.68 -13.82
N THR B 134 7.06 9.58 -14.79
CA THR B 134 7.02 11.00 -14.50
C THR B 134 5.60 11.45 -14.21
N VAL B 135 5.45 12.74 -13.87
CA VAL B 135 4.14 13.31 -13.59
C VAL B 135 3.35 13.61 -14.85
N ALA B 136 3.92 13.38 -16.03
CA ALA B 136 3.25 13.69 -17.29
C ALA B 136 2.80 15.15 -17.32
N GLY B 137 3.68 16.03 -16.82
CA GLY B 137 3.34 17.44 -16.76
C GLY B 137 2.19 17.77 -15.83
N GLY B 138 1.90 16.89 -14.88
CA GLY B 138 0.82 17.14 -13.93
C GLY B 138 -0.57 17.01 -14.49
N THR B 139 -0.89 17.73 -15.56
CA THR B 139 -2.21 17.66 -16.18
C THR B 139 -2.45 16.34 -16.90
N GLY B 140 -1.40 15.55 -17.13
CA GLY B 140 -1.56 14.27 -17.80
C GLY B 140 -1.61 14.35 -19.31
N THR B 141 -1.10 15.42 -19.90
CA THR B 141 -1.06 15.58 -21.35
C THR B 141 0.32 15.34 -21.94
N GLU B 142 1.38 15.58 -21.18
CA GLU B 142 2.73 15.44 -21.72
C GLU B 142 3.16 13.98 -21.71
N ASP B 143 3.67 13.51 -22.85
CA ASP B 143 4.25 12.18 -22.96
C ASP B 143 5.70 12.20 -22.47
N SER B 144 5.87 12.72 -21.26
CA SER B 144 7.19 12.91 -20.69
C SER B 144 7.75 11.58 -20.20
N HIS B 145 9.08 11.50 -20.19
CA HIS B 145 9.80 10.35 -19.66
C HIS B 145 10.82 10.83 -18.64
N PRO B 146 11.09 10.02 -17.62
CA PRO B 146 12.05 10.45 -16.59
C PRO B 146 13.44 10.58 -17.18
N PRO B 147 14.24 11.53 -16.69
CA PRO B 147 15.61 11.66 -17.20
C PRO B 147 16.47 10.47 -16.83
N TYR B 148 17.69 10.44 -17.35
CA TYR B 148 18.60 9.33 -17.06
C TYR B 148 19.00 9.30 -15.60
N ILE B 149 19.20 10.47 -14.98
CA ILE B 149 19.62 10.49 -13.58
C ILE B 149 18.55 9.94 -12.66
N GLN B 150 17.28 10.11 -13.01
CA GLN B 150 16.20 9.62 -12.16
C GLN B 150 15.95 8.13 -12.32
N THR B 151 16.14 7.58 -13.52
CA THR B 151 15.94 6.15 -13.72
C THR B 151 17.07 5.34 -13.12
N GLN B 152 18.32 5.81 -13.28
CA GLN B 152 19.50 5.14 -12.74
C GLN B 152 20.27 6.15 -11.91
N PRO B 153 19.89 6.36 -10.65
CA PRO B 153 20.53 7.38 -9.83
C PRO B 153 21.86 6.96 -9.22
N GLY B 154 22.43 5.82 -9.60
CA GLY B 154 23.70 5.43 -9.03
C GLY B 154 23.58 5.06 -7.56
N ALA B 155 24.66 5.29 -6.83
CA ALA B 155 24.75 4.91 -5.42
C ALA B 155 24.25 5.98 -4.47
N ASP B 156 23.84 7.14 -4.98
CA ASP B 156 23.23 8.16 -4.14
C ASP B 156 21.72 8.00 -4.00
N GLY B 157 21.11 7.13 -4.79
CA GLY B 157 19.68 7.00 -4.74
C GLY B 157 18.98 8.23 -5.28
N PHE B 158 17.68 8.28 -5.05
CA PHE B 158 16.88 9.42 -5.48
C PHE B 158 15.73 9.59 -4.51
N GLU B 159 15.44 10.82 -4.14
CA GLU B 159 14.37 11.11 -3.20
C GLU B 159 13.03 11.06 -3.91
N LEU B 160 12.13 10.24 -3.39
CA LEU B 160 10.81 10.07 -4.00
C LEU B 160 10.04 11.38 -3.98
N GLN B 161 9.28 11.62 -5.05
CA GLN B 161 8.46 12.81 -5.17
C GLN B 161 7.02 12.56 -4.73
N HIS B 162 6.47 11.41 -5.08
CA HIS B 162 5.12 11.01 -4.69
C HIS B 162 5.18 9.60 -4.15
N PRO B 163 5.60 9.42 -2.89
CA PRO B 163 5.72 8.06 -2.34
C PRO B 163 4.42 7.29 -2.34
N TYR B 164 3.27 7.97 -2.26
CA TYR B 164 2.00 7.25 -2.18
C TYR B 164 1.76 6.41 -3.42
N VAL B 165 2.14 6.92 -4.60
CA VAL B 165 2.03 6.17 -5.84
C VAL B 165 3.38 5.60 -6.27
N LEU B 166 4.39 5.69 -5.41
CA LEU B 166 5.71 5.12 -5.67
C LEU B 166 6.36 5.67 -6.94
N ASP B 167 6.00 6.88 -7.34
CA ASP B 167 6.51 7.50 -8.56
C ASP B 167 6.23 6.64 -9.79
N ALA B 168 5.32 5.68 -9.68
CA ALA B 168 5.00 4.79 -10.79
C ALA B 168 3.50 4.53 -10.92
N GLY B 169 2.67 5.25 -10.18
CA GLY B 169 1.24 5.08 -10.29
C GLY B 169 0.68 3.89 -9.54
N ILE B 170 1.48 3.24 -8.70
CA ILE B 170 1.03 2.04 -7.98
C ILE B 170 1.10 2.32 -6.49
N PRO B 171 0.21 1.75 -5.69
CA PRO B 171 0.11 2.13 -4.28
C PRO B 171 1.23 1.53 -3.44
N ILE B 172 1.82 2.37 -2.58
CA ILE B 172 2.82 1.89 -1.65
C ILE B 172 2.21 0.91 -0.65
N SER B 173 0.90 1.02 -0.39
CA SER B 173 0.29 0.18 0.63
C SER B 173 0.36 -1.30 0.27
N GLN B 174 0.40 -1.62 -1.02
CA GLN B 174 0.50 -3.00 -1.47
C GLN B 174 1.95 -3.43 -1.70
N LEU B 175 2.91 -2.53 -1.48
CA LEU B 175 4.31 -2.82 -1.71
C LEU B 175 4.83 -3.95 -0.82
N THR B 176 4.14 -4.23 0.29
CA THR B 176 4.50 -5.35 1.15
C THR B 176 4.23 -6.70 0.49
N VAL B 177 3.71 -6.72 -0.74
CA VAL B 177 3.58 -7.97 -1.48
C VAL B 177 4.92 -8.46 -2.03
N CYS B 178 5.95 -7.61 -2.00
CA CYS B 178 7.29 -7.95 -2.44
C CYS B 178 8.21 -8.14 -1.23
N PRO B 179 9.33 -8.86 -1.40
CA PRO B 179 10.23 -9.09 -0.26
C PRO B 179 10.58 -7.80 0.47
N HIS B 180 10.31 -7.76 1.76
CA HIS B 180 10.37 -6.51 2.50
C HIS B 180 10.58 -6.77 3.98
N GLN B 181 10.91 -5.70 4.70
CA GLN B 181 10.93 -5.69 6.14
C GLN B 181 10.59 -4.29 6.62
N TRP B 182 10.35 -4.17 7.92
CA TRP B 182 10.14 -2.88 8.55
C TRP B 182 11.27 -2.60 9.52
N ILE B 183 11.74 -1.37 9.55
CA ILE B 183 12.62 -0.89 10.60
C ILE B 183 11.74 -0.08 11.54
N ASN B 184 11.38 -0.68 12.67
CA ASN B 184 10.56 -0.05 13.70
C ASN B 184 11.49 0.31 14.84
N LEU B 185 11.74 1.61 15.04
CA LEU B 185 12.80 2.03 15.95
C LEU B 185 12.62 1.46 17.35
N ARG B 186 11.40 1.14 17.76
CA ARG B 186 11.19 0.55 19.08
C ARG B 186 11.54 -0.92 19.14
N THR B 187 11.61 -1.61 17.99
CA THR B 187 11.83 -3.05 17.95
C THR B 187 13.21 -3.40 17.42
N ASN B 188 13.55 -2.96 16.21
CA ASN B 188 14.80 -3.32 15.56
C ASN B 188 15.42 -2.07 14.96
N ASN B 189 16.70 -2.18 14.58
CA ASN B 189 17.41 -1.07 13.96
C ASN B 189 17.97 -1.43 12.59
N CYS B 190 17.62 -2.59 12.05
CA CYS B 190 18.14 -2.98 10.75
C CYS B 190 17.17 -3.92 10.07
N ALA B 191 17.26 -3.98 8.74
CA ALA B 191 16.46 -4.88 7.92
C ALA B 191 17.38 -5.61 6.95
N THR B 192 17.18 -6.91 6.79
CA THR B 192 18.02 -7.74 5.95
C THR B 192 17.14 -8.50 4.97
N ILE B 193 17.43 -8.37 3.68
CA ILE B 193 16.68 -9.07 2.64
C ILE B 193 17.67 -9.72 1.69
N ILE B 194 17.52 -11.01 1.45
CA ILE B 194 18.30 -11.71 0.45
C ILE B 194 17.43 -11.92 -0.78
N VAL B 195 17.93 -11.45 -1.92
CA VAL B 195 17.19 -11.46 -3.18
C VAL B 195 17.97 -12.37 -4.14
N PRO B 196 17.33 -13.34 -4.78
CA PRO B 196 18.00 -14.10 -5.82
C PRO B 196 18.04 -13.28 -7.11
N TYR B 197 18.59 -13.87 -8.16
CA TYR B 197 18.60 -13.23 -9.47
C TYR B 197 17.23 -13.38 -10.10
N MET B 198 16.52 -12.27 -10.26
CA MET B 198 15.16 -12.25 -10.77
C MET B 198 15.17 -11.62 -12.16
N ASN B 199 15.03 -12.44 -13.19
CA ASN B 199 15.04 -11.95 -14.55
C ASN B 199 14.53 -13.05 -15.47
N THR B 200 13.96 -12.64 -16.60
CA THR B 200 13.50 -13.60 -17.59
C THR B 200 14.65 -14.16 -18.43
N LEU B 201 15.88 -13.75 -18.17
CA LEU B 201 17.07 -14.22 -18.87
C LEU B 201 18.05 -14.82 -17.87
N PRO B 202 18.92 -15.73 -18.32
CA PRO B 202 19.92 -16.26 -17.39
C PRO B 202 20.96 -15.24 -16.97
N PHE B 203 21.45 -14.44 -17.91
CA PHE B 203 22.35 -13.31 -17.65
C PHE B 203 21.71 -12.06 -18.23
N ASP B 204 22.39 -10.93 -18.05
CA ASP B 204 21.94 -9.67 -18.65
C ASP B 204 23.03 -8.63 -18.40
N SER B 205 22.79 -7.43 -18.91
CA SER B 205 23.74 -6.35 -18.79
C SER B 205 23.53 -5.61 -17.46
N ALA B 206 24.64 -5.31 -16.80
CA ALA B 206 24.61 -4.56 -15.55
C ALA B 206 24.58 -3.06 -15.76
N LEU B 207 24.67 -2.60 -17.01
CA LEU B 207 24.68 -1.18 -17.31
C LEU B 207 23.37 -0.69 -17.91
N ASN B 208 22.67 -1.54 -18.65
CA ASN B 208 21.43 -1.12 -19.30
C ASN B 208 20.20 -1.48 -18.47
N HIS B 209 20.19 -2.66 -17.86
CA HIS B 209 19.00 -3.18 -17.21
C HIS B 209 19.22 -3.22 -15.70
N CYS B 210 18.28 -2.63 -14.96
CA CYS B 210 18.28 -2.68 -13.51
C CYS B 210 17.32 -3.78 -13.07
N ASN B 211 17.88 -4.81 -12.40
CA ASN B 211 17.07 -5.96 -12.05
C ASN B 211 15.96 -5.60 -11.07
N PHE B 212 16.23 -4.76 -10.08
CA PHE B 212 15.20 -4.41 -9.12
C PHE B 212 15.52 -3.07 -8.50
N GLY B 213 14.63 -2.62 -7.64
CA GLY B 213 14.82 -1.36 -6.92
C GLY B 213 14.61 -1.54 -5.44
N LEU B 214 15.51 -0.95 -4.66
CA LEU B 214 15.37 -0.88 -3.22
C LEU B 214 14.63 0.39 -2.87
N LEU B 215 13.59 0.27 -2.04
CA LEU B 215 12.80 1.41 -1.60
C LEU B 215 12.85 1.48 -0.09
N VAL B 216 13.04 2.70 0.44
CA VAL B 216 13.02 2.95 1.88
C VAL B 216 12.07 4.11 2.08
N VAL B 217 10.88 3.83 2.62
CA VAL B 217 9.81 4.81 2.74
C VAL B 217 9.33 4.86 4.18
N PRO B 218 9.43 6.00 4.88
CA PRO B 218 8.87 6.07 6.24
C PRO B 218 7.35 6.12 6.24
N ILE B 219 6.72 5.01 6.59
CA ILE B 219 5.27 4.97 6.66
C ILE B 219 4.78 5.72 7.89
N SER B 220 5.43 5.51 9.03
CA SER B 220 5.14 6.25 10.24
C SER B 220 6.22 7.29 10.45
N PRO B 221 5.89 8.56 10.56
CA PRO B 221 6.92 9.60 10.59
C PRO B 221 7.84 9.45 11.79
N LEU B 222 9.08 9.89 11.61
CA LEU B 222 10.04 9.95 12.71
C LEU B 222 9.62 11.02 13.69
N ASP B 223 9.72 10.74 14.98
CA ASP B 223 9.34 11.69 16.00
C ASP B 223 10.23 11.52 17.23
N PHE B 224 10.41 12.62 17.95
CA PHE B 224 11.20 12.67 19.17
C PHE B 224 11.04 14.06 19.77
N ASP B 225 11.51 14.22 20.99
CA ASP B 225 11.43 15.48 21.71
C ASP B 225 12.74 16.24 21.62
N GLN B 226 12.64 17.56 21.66
CA GLN B 226 13.84 18.41 21.58
C GLN B 226 14.79 18.07 22.71
N GLY B 227 16.07 17.91 22.38
CA GLY B 227 17.08 17.43 23.30
C GLY B 227 17.65 16.08 22.93
N ALA B 228 16.88 15.27 22.21
CA ALA B 228 17.36 14.01 21.68
C ALA B 228 18.17 14.27 20.41
N THR B 229 18.91 13.25 20.00
CA THR B 229 19.72 13.39 18.79
C THR B 229 18.81 13.70 17.62
N PRO B 230 19.03 14.82 16.90
CA PRO B 230 18.16 15.14 15.78
C PRO B 230 18.54 14.46 14.48
N VAL B 231 19.78 14.00 14.33
CA VAL B 231 20.27 13.43 13.09
C VAL B 231 20.21 11.92 13.20
N ILE B 232 19.31 11.32 12.42
CA ILE B 232 19.11 9.87 12.39
C ILE B 232 19.54 9.37 11.01
N PRO B 233 20.71 8.76 10.87
CA PRO B 233 21.13 8.30 9.54
C PRO B 233 20.53 6.96 9.18
N ILE B 234 20.39 6.75 7.87
CA ILE B 234 19.97 5.49 7.29
C ILE B 234 21.07 5.08 6.32
N THR B 235 21.71 3.93 6.59
CA THR B 235 22.85 3.47 5.82
C THR B 235 22.47 2.18 5.08
N ILE B 236 22.73 2.15 3.77
CA ILE B 236 22.45 0.99 2.95
C ILE B 236 23.77 0.25 2.72
N THR B 237 23.76 -1.05 3.00
CA THR B 237 24.87 -1.93 2.72
C THR B 237 24.36 -3.08 1.88
N LEU B 238 25.22 -3.65 1.04
CA LEU B 238 24.74 -4.69 0.15
C LEU B 238 25.89 -5.56 -0.29
N ALA B 239 25.62 -6.86 -0.40
CA ALA B 239 26.62 -7.84 -0.80
C ALA B 239 26.13 -8.57 -2.04
N PRO B 240 26.80 -8.46 -3.18
CA PRO B 240 26.49 -9.35 -4.29
C PRO B 240 26.78 -10.80 -3.89
N MET B 241 26.01 -11.71 -4.46
CA MET B 241 26.12 -13.13 -4.13
C MET B 241 26.04 -13.94 -5.41
N CYS B 242 26.91 -14.95 -5.51
CA CYS B 242 26.97 -15.83 -6.68
C CYS B 242 27.16 -15.01 -7.94
N SER B 243 28.07 -14.04 -7.88
CA SER B 243 28.29 -13.16 -9.02
C SER B 243 28.98 -13.91 -10.15
N GLU B 244 28.47 -13.70 -11.36
CA GLU B 244 28.97 -14.31 -12.58
C GLU B 244 29.06 -13.23 -13.65
N PHE B 245 30.13 -13.26 -14.41
CA PHE B 245 30.34 -12.31 -15.50
C PHE B 245 30.82 -13.07 -16.73
N ALA B 246 30.33 -12.64 -17.89
CA ALA B 246 30.66 -13.30 -19.15
C ALA B 246 30.63 -12.25 -20.25
N GLY B 247 31.26 -12.58 -21.37
CA GLY B 247 31.32 -11.66 -22.48
C GLY B 247 32.37 -10.60 -22.31
N LEU B 248 33.62 -11.01 -22.15
CA LEU B 248 34.71 -10.08 -21.87
C LEU B 248 34.96 -9.16 -23.06
N ARG B 249 35.18 -7.89 -22.77
CA ARG B 249 35.51 -6.88 -23.78
C ARG B 249 36.22 -5.75 -23.04
N GLN B 250 36.34 -4.59 -23.69
CA GLN B 250 36.92 -3.45 -23.00
C GLN B 250 35.89 -2.86 -22.04
N ALA B 251 36.38 -2.00 -21.15
CA ALA B 251 35.52 -1.38 -20.15
C ALA B 251 34.59 -0.36 -20.78
N VAL B 252 33.35 -0.32 -20.29
CA VAL B 252 32.39 0.69 -20.67
C VAL B 252 31.59 1.06 -19.44
N THR B 253 31.22 2.34 -19.34
CA THR B 253 30.46 2.84 -18.20
C THR B 253 28.98 3.01 -18.48
N GLN B 254 28.58 3.03 -19.74
CA GLN B 254 27.18 3.22 -20.10
C GLN B 254 26.82 2.41 -21.33
N GLY C 1 -21.48 -36.36 -46.78
CA GLY C 1 -20.61 -36.77 -45.65
C GLY C 1 -21.39 -37.23 -44.45
N PHE C 2 -20.80 -37.07 -43.27
CA PHE C 2 -21.43 -37.51 -42.04
C PHE C 2 -22.62 -36.61 -41.71
N PRO C 3 -23.83 -37.15 -41.58
CA PRO C 3 -24.98 -36.28 -41.28
C PRO C 3 -24.78 -35.54 -39.96
N THR C 4 -25.14 -34.26 -39.95
CA THR C 4 -24.99 -33.43 -38.76
C THR C 4 -26.08 -32.38 -38.73
N GLU C 5 -26.30 -31.82 -37.55
CA GLU C 5 -27.30 -30.80 -37.32
C GLU C 5 -26.71 -29.71 -36.45
N LEU C 6 -26.84 -28.46 -36.86
CA LEU C 6 -26.30 -27.34 -36.10
C LEU C 6 -27.33 -26.91 -35.05
N LYS C 7 -26.86 -26.71 -33.84
CA LYS C 7 -27.70 -26.41 -32.70
C LYS C 7 -27.60 -24.93 -32.35
N PRO C 8 -28.53 -24.43 -31.53
CA PRO C 8 -28.44 -23.03 -31.10
C PRO C 8 -27.14 -22.76 -30.38
N GLY C 9 -26.58 -21.57 -30.64
CA GLY C 9 -25.28 -21.22 -30.13
C GLY C 9 -24.15 -21.34 -31.12
N THR C 10 -24.43 -21.76 -32.35
CA THR C 10 -23.40 -21.80 -33.38
C THR C 10 -23.12 -20.39 -33.89
N ASN C 11 -21.85 -20.14 -34.20
CA ASN C 11 -21.33 -18.87 -34.68
C ASN C 11 -21.21 -17.82 -33.58
N GLN C 12 -21.67 -18.11 -32.37
CA GLN C 12 -21.54 -17.16 -31.28
C GLN C 12 -20.09 -17.12 -30.78
N PHE C 13 -19.70 -15.96 -30.27
CA PHE C 13 -18.37 -15.76 -29.71
C PHE C 13 -18.53 -15.49 -28.22
N LEU C 14 -18.49 -16.56 -27.44
CA LEU C 14 -18.45 -16.45 -25.98
C LEU C 14 -17.00 -16.20 -25.56
N THR C 15 -16.76 -15.11 -24.85
CA THR C 15 -15.39 -14.73 -24.52
C THR C 15 -14.77 -15.67 -23.50
N THR C 16 -15.58 -16.31 -22.66
CA THR C 16 -15.08 -17.25 -21.67
C THR C 16 -15.06 -18.69 -22.17
N ASP C 17 -15.35 -18.90 -23.45
CA ASP C 17 -15.34 -20.24 -24.03
C ASP C 17 -13.90 -20.72 -24.15
N ASP C 18 -13.68 -21.98 -23.78
CA ASP C 18 -12.36 -22.60 -23.82
C ASP C 18 -12.39 -23.70 -24.88
N GLY C 19 -11.89 -23.38 -26.08
CA GLY C 19 -11.89 -24.33 -27.17
C GLY C 19 -10.55 -24.32 -27.88
N VAL C 20 -10.48 -25.14 -28.92
CA VAL C 20 -9.29 -25.23 -29.75
C VAL C 20 -9.38 -24.21 -30.87
N SER C 21 -8.26 -23.60 -31.22
CA SER C 21 -8.18 -22.65 -32.31
C SER C 21 -7.08 -23.07 -33.27
N ALA C 22 -7.12 -22.54 -34.47
CA ALA C 22 -6.15 -22.91 -35.48
C ALA C 22 -4.80 -22.25 -35.17
N PRO C 23 -3.72 -23.01 -35.07
CA PRO C 23 -2.41 -22.40 -34.86
C PRO C 23 -1.92 -21.67 -36.10
N ILE C 24 -1.26 -20.53 -35.88
CA ILE C 24 -0.77 -19.75 -37.02
C ILE C 24 0.64 -20.15 -37.43
N LEU C 25 1.42 -20.73 -36.52
CA LEU C 25 2.81 -21.10 -36.79
C LEU C 25 2.99 -22.60 -36.63
N PRO C 26 2.91 -23.38 -37.71
CA PRO C 26 3.16 -24.81 -37.57
C PRO C 26 4.61 -25.11 -37.23
N ASN C 27 4.81 -26.17 -36.44
CA ASN C 27 6.13 -26.65 -36.06
C ASN C 27 6.95 -25.58 -35.34
N PHE C 28 6.28 -24.73 -34.57
CA PHE C 28 6.95 -23.68 -33.81
C PHE C 28 7.16 -24.14 -32.38
N HIS C 29 8.38 -23.96 -31.87
CA HIS C 29 8.71 -24.29 -30.50
C HIS C 29 9.11 -23.03 -29.75
N PRO C 30 8.59 -22.79 -28.55
CA PRO C 30 8.91 -21.55 -27.83
C PRO C 30 10.29 -21.60 -27.22
N THR C 31 10.77 -20.43 -26.82
CA THR C 31 12.00 -20.35 -26.07
C THR C 31 11.85 -21.16 -24.78
N PRO C 32 12.82 -21.98 -24.41
CA PRO C 32 12.67 -22.78 -23.19
C PRO C 32 12.50 -21.89 -21.98
N CYS C 33 11.70 -22.37 -21.02
CA CYS C 33 11.43 -21.63 -19.80
C CYS C 33 12.52 -21.95 -18.79
N ILE C 34 13.28 -20.93 -18.40
CA ILE C 34 14.27 -21.05 -17.34
C ILE C 34 13.54 -20.92 -16.00
N HIS C 35 14.25 -21.20 -14.92
CA HIS C 35 13.67 -21.02 -13.59
C HIS C 35 13.67 -19.54 -13.23
N ILE C 36 12.52 -19.01 -12.85
CA ILE C 36 12.38 -17.62 -12.43
C ILE C 36 11.83 -17.63 -11.00
N PRO C 37 12.37 -16.82 -10.09
CA PRO C 37 11.83 -16.81 -8.72
C PRO C 37 10.44 -16.20 -8.67
N GLY C 38 9.69 -16.60 -7.65
CA GLY C 38 8.43 -15.96 -7.33
C GLY C 38 7.27 -16.31 -8.24
N GLU C 39 7.22 -17.55 -8.74
CA GLU C 39 6.10 -17.97 -9.56
C GLU C 39 4.83 -18.02 -8.73
N VAL C 40 3.71 -17.67 -9.36
CA VAL C 40 2.41 -17.69 -8.74
C VAL C 40 1.55 -18.72 -9.45
N ARG C 41 0.98 -19.65 -8.68
CA ARG C 41 0.07 -20.65 -9.20
C ARG C 41 -1.38 -20.38 -8.91
N ASN C 42 -1.67 -19.73 -7.79
CA ASN C 42 -3.04 -19.40 -7.39
C ASN C 42 -3.06 -17.98 -6.85
N LEU C 43 -4.11 -17.23 -7.19
CA LEU C 43 -4.22 -15.87 -6.68
C LEU C 43 -4.37 -15.83 -5.18
N LEU C 44 -4.87 -16.89 -4.56
CA LEU C 44 -5.02 -16.90 -3.11
C LEU C 44 -3.68 -16.73 -2.40
N GLU C 45 -2.58 -17.15 -3.03
CA GLU C 45 -1.27 -16.92 -2.42
C GLU C 45 -1.03 -15.44 -2.17
N LEU C 46 -1.57 -14.58 -3.04
CA LEU C 46 -1.47 -13.14 -2.83
C LEU C 46 -2.44 -12.64 -1.77
N CYS C 47 -3.59 -13.31 -1.61
CA CYS C 47 -4.57 -12.89 -0.62
C CYS C 47 -4.12 -13.19 0.80
N GLN C 48 -3.15 -14.09 0.97
CA GLN C 48 -2.64 -14.45 2.29
C GLN C 48 -1.38 -13.67 2.63
N VAL C 49 -1.15 -12.54 1.98
CA VAL C 49 0.00 -11.67 2.24
C VAL C 49 -0.54 -10.36 2.81
N GLU C 50 0.02 -9.93 3.94
CA GLU C 50 -0.44 -8.73 4.60
C GLU C 50 -0.06 -7.49 3.80
N THR C 51 -1.04 -6.60 3.62
CA THR C 51 -0.84 -5.32 2.95
C THR C 51 -1.53 -4.24 3.77
N ILE C 52 -1.04 -3.01 3.65
CA ILE C 52 -1.44 -1.96 4.57
C ILE C 52 -2.90 -1.61 4.36
N LEU C 53 -3.65 -1.57 5.46
CA LEU C 53 -5.07 -1.23 5.45
C LEU C 53 -5.21 0.25 5.80
N GLU C 54 -5.82 1.02 4.90
CA GLU C 54 -5.97 2.46 5.09
C GLU C 54 -7.21 2.73 5.96
N VAL C 55 -7.06 2.41 7.24
CA VAL C 55 -8.12 2.74 8.20
C VAL C 55 -8.30 4.26 8.25
N ASN C 56 -7.20 5.00 8.16
CA ASN C 56 -7.24 6.46 8.25
C ASN C 56 -7.41 7.07 6.85
N ASN C 57 -8.47 6.66 6.16
CA ASN C 57 -8.74 7.21 4.83
C ASN C 57 -9.53 8.50 4.91
N VAL C 58 -9.10 9.41 5.79
CA VAL C 58 -9.72 10.73 5.91
C VAL C 58 -9.09 11.73 4.94
N PRO C 59 -7.77 11.88 4.91
CA PRO C 59 -7.18 12.94 4.09
C PRO C 59 -7.13 12.58 2.62
N THR C 60 -7.20 13.62 1.78
CA THR C 60 -7.19 13.45 0.34
C THR C 60 -6.26 14.43 -0.39
N ASN C 61 -5.69 15.41 0.29
CA ASN C 61 -4.74 16.29 -0.36
C ASN C 61 -3.56 15.49 -0.90
N ALA C 62 -3.06 15.88 -2.07
CA ALA C 62 -1.98 15.14 -2.71
C ALA C 62 -0.73 15.08 -1.85
N THR C 63 -0.57 15.98 -0.88
CA THR C 63 0.58 15.98 -0.01
C THR C 63 0.38 15.17 1.26
N SER C 64 -0.87 14.97 1.67
CA SER C 64 -1.19 14.21 2.88
C SER C 64 -1.76 12.83 2.58
N LEU C 65 -1.47 12.29 1.39
CA LEU C 65 -1.95 10.96 1.06
C LEU C 65 -1.25 9.89 1.88
N MET C 66 0.05 10.06 2.18
CA MET C 66 0.77 9.05 2.93
C MET C 66 0.31 8.96 4.38
N GLU C 67 -0.49 9.92 4.83
CA GLU C 67 -1.01 9.87 6.20
C GLU C 67 -2.15 8.89 6.33
N ARG C 68 -2.59 8.32 5.21
CA ARG C 68 -3.63 7.31 5.23
C ARG C 68 -3.14 5.94 5.66
N LEU C 69 -1.83 5.73 5.73
CA LEU C 69 -1.25 4.42 6.00
C LEU C 69 -1.10 4.13 7.48
N ARG C 70 -1.43 5.08 8.36
CA ARG C 70 -1.34 4.86 9.79
C ARG C 70 -2.31 5.80 10.49
N PHE C 71 -2.74 5.40 11.69
CA PHE C 71 -3.64 6.26 12.45
C PHE C 71 -3.10 6.50 13.84
N PRO C 72 -3.42 7.64 14.44
CA PRO C 72 -2.75 8.07 15.68
C PRO C 72 -3.32 7.41 16.93
N VAL C 73 -2.43 7.23 17.90
CA VAL C 73 -2.77 6.81 19.25
C VAL C 73 -2.09 7.77 20.22
N SER C 74 -2.88 8.34 21.12
CA SER C 74 -2.40 9.42 21.97
C SER C 74 -2.84 9.16 23.41
N ALA C 75 -2.24 9.91 24.33
CA ALA C 75 -2.68 9.88 25.72
C ALA C 75 -4.09 10.45 25.84
N GLN C 76 -4.96 9.73 26.52
CA GLN C 76 -6.37 10.08 26.66
C GLN C 76 -6.69 10.30 28.12
N ALA C 77 -7.99 10.45 28.41
CA ALA C 77 -8.47 10.73 29.75
C ALA C 77 -8.80 9.47 30.56
N GLY C 78 -8.42 8.30 30.06
CA GLY C 78 -8.64 7.07 30.80
C GLY C 78 -10.11 6.75 30.99
N LYS C 79 -10.89 6.86 29.91
CA LYS C 79 -12.32 6.62 29.96
C LYS C 79 -12.76 5.69 28.83
N GLY C 80 -11.90 4.77 28.42
CA GLY C 80 -12.24 3.83 27.38
C GLY C 80 -12.59 4.52 26.08
N GLU C 81 -11.77 5.47 25.66
CA GLU C 81 -12.08 6.27 24.49
C GLU C 81 -11.99 5.42 23.22
N LEU C 82 -12.75 5.82 22.22
CA LEU C 82 -12.72 5.17 20.91
C LEU C 82 -11.59 5.76 20.07
N CYS C 83 -10.85 4.87 19.42
CA CYS C 83 -9.69 5.26 18.61
C CYS C 83 -10.01 5.25 17.11
N ALA C 84 -10.51 4.15 16.58
CA ALA C 84 -10.81 4.05 15.16
C ALA C 84 -11.87 2.99 14.95
N VAL C 85 -12.56 3.08 13.81
CA VAL C 85 -13.56 2.08 13.42
C VAL C 85 -13.56 1.97 11.90
N PHE C 86 -13.80 0.75 11.43
CA PHE C 86 -13.94 0.53 9.99
C PHE C 86 -14.81 -0.70 9.79
N ARG C 87 -15.26 -0.89 8.55
CA ARG C 87 -16.03 -2.06 8.20
C ARG C 87 -15.09 -3.21 7.85
N ALA C 88 -15.57 -4.43 8.05
CA ALA C 88 -14.74 -5.62 7.93
C ALA C 88 -14.95 -6.37 6.61
N ASP C 89 -15.65 -5.78 5.64
CA ASP C 89 -15.95 -6.48 4.40
C ASP C 89 -14.96 -6.07 3.32
N PRO C 90 -14.10 -6.98 2.84
CA PRO C 90 -12.96 -6.55 2.02
C PRO C 90 -13.34 -6.11 0.61
N GLY C 91 -14.49 -6.48 0.10
CA GLY C 91 -14.90 -6.09 -1.24
C GLY C 91 -15.63 -4.78 -1.31
N ARG C 92 -15.70 -4.04 -0.21
CA ARG C 92 -16.45 -2.81 -0.12
C ARG C 92 -15.52 -1.61 -0.23
N ASP C 93 -16.08 -0.47 -0.66
CA ASP C 93 -15.33 0.77 -0.68
C ASP C 93 -14.96 1.20 0.73
N GLY C 94 -13.71 1.63 0.90
CA GLY C 94 -13.22 2.03 2.20
C GLY C 94 -11.78 1.64 2.41
N PRO C 95 -11.41 1.34 3.66
CA PRO C 95 -10.01 0.99 3.92
C PRO C 95 -9.52 -0.21 3.12
N TRP C 96 -10.35 -1.24 2.96
CA TRP C 96 -9.87 -2.46 2.35
C TRP C 96 -9.46 -2.28 0.91
N GLN C 97 -9.86 -1.17 0.27
CA GLN C 97 -9.45 -0.90 -1.08
C GLN C 97 -7.95 -0.69 -1.21
N SER C 98 -7.25 -0.49 -0.10
CA SER C 98 -5.80 -0.27 -0.15
C SER C 98 -5.01 -1.57 -0.17
N THR C 99 -5.65 -2.71 0.04
CA THR C 99 -4.97 -3.98 0.20
C THR C 99 -5.02 -4.80 -1.08
N MET C 100 -3.99 -5.64 -1.26
CA MET C 100 -4.03 -6.59 -2.35
C MET C 100 -5.25 -7.50 -2.23
N LEU C 101 -5.63 -7.83 -1.00
CA LEU C 101 -6.84 -8.62 -0.80
C LEU C 101 -8.06 -7.90 -1.32
N GLY C 102 -8.17 -6.60 -1.05
CA GLY C 102 -9.31 -5.84 -1.54
C GLY C 102 -9.34 -5.75 -3.06
N GLN C 103 -8.19 -5.48 -3.67
CA GLN C 103 -8.12 -5.38 -5.12
C GLN C 103 -8.48 -6.70 -5.79
N LEU C 104 -7.99 -7.81 -5.25
CA LEU C 104 -8.35 -9.10 -5.82
C LEU C 104 -9.81 -9.44 -5.57
N CYS C 105 -10.35 -9.07 -4.41
CA CYS C 105 -11.78 -9.24 -4.19
C CYS C 105 -12.59 -8.44 -5.20
N GLY C 106 -12.04 -7.32 -5.65
CA GLY C 106 -12.70 -6.55 -6.69
C GLY C 106 -12.94 -7.32 -7.96
N TYR C 107 -12.13 -8.33 -8.25
CA TYR C 107 -12.25 -9.13 -9.46
C TYR C 107 -13.15 -10.35 -9.28
N TYR C 108 -13.57 -10.66 -8.05
CA TYR C 108 -14.44 -11.80 -7.79
C TYR C 108 -15.70 -11.32 -7.11
N THR C 109 -16.81 -12.01 -7.39
CA THR C 109 -18.09 -11.61 -6.85
C THR C 109 -18.26 -12.10 -5.41
N GLN C 110 -18.01 -13.38 -5.15
CA GLN C 110 -18.33 -13.96 -3.86
C GLN C 110 -17.05 -14.44 -3.18
N TRP C 111 -17.00 -14.28 -1.86
CA TRP C 111 -15.83 -14.65 -1.07
C TRP C 111 -16.28 -15.40 0.17
N SER C 112 -15.30 -16.04 0.82
CA SER C 112 -15.57 -16.76 2.05
C SER C 112 -14.25 -16.95 2.79
N GLY C 113 -14.35 -17.13 4.10
CA GLY C 113 -13.21 -17.39 4.93
C GLY C 113 -12.97 -16.29 5.96
N SER C 114 -12.07 -16.59 6.88
CA SER C 114 -11.73 -15.67 7.95
C SER C 114 -10.69 -14.66 7.47
N LEU C 115 -10.84 -13.42 7.93
CA LEU C 115 -9.88 -12.37 7.65
C LEU C 115 -8.94 -12.21 8.84
N GLU C 116 -7.85 -11.48 8.63
CA GLU C 116 -6.94 -11.21 9.73
C GLU C 116 -6.33 -9.84 9.54
N VAL C 117 -6.43 -8.99 10.57
CA VAL C 117 -5.82 -7.67 10.55
C VAL C 117 -4.74 -7.64 11.62
N THR C 118 -3.52 -7.35 11.21
CA THR C 118 -2.40 -7.21 12.12
C THR C 118 -2.14 -5.72 12.33
N PHE C 119 -2.19 -5.28 13.57
CA PHE C 119 -1.86 -3.90 13.93
C PHE C 119 -0.46 -3.87 14.51
N MET C 120 0.38 -2.99 13.98
CA MET C 120 1.74 -2.79 14.45
C MET C 120 1.83 -1.43 15.13
N PHE C 121 2.33 -1.43 16.36
CA PHE C 121 2.56 -0.20 17.12
C PHE C 121 3.91 0.36 16.74
N THR C 122 3.93 1.58 16.21
CA THR C 122 5.16 2.23 15.77
C THR C 122 5.47 3.44 16.64
N GLY C 123 5.25 3.31 17.95
CA GLY C 123 5.57 4.34 18.90
C GLY C 123 6.92 4.12 19.57
N SER C 124 7.17 4.91 20.59
CA SER C 124 8.44 4.82 21.29
C SER C 124 8.55 3.51 22.06
N PHE C 125 9.79 3.12 22.36
CA PHE C 125 10.00 1.90 23.14
C PHE C 125 9.53 2.07 24.58
N MET C 126 9.65 3.29 25.12
CA MET C 126 9.21 3.56 26.48
C MET C 126 7.70 3.68 26.59
N ALA C 127 6.99 3.82 25.49
CA ALA C 127 5.54 3.98 25.51
C ALA C 127 4.86 2.65 25.80
N THR C 128 4.03 2.61 26.82
CA THR C 128 3.21 1.46 27.14
C THR C 128 1.75 1.79 26.89
N GLY C 129 0.94 0.75 26.80
CA GLY C 129 -0.47 0.94 26.54
C GLY C 129 -1.20 -0.36 26.25
N LYS C 130 -2.50 -0.36 26.47
CA LYS C 130 -3.35 -1.50 26.16
C LYS C 130 -4.54 -1.03 25.35
N MET C 131 -4.88 -1.79 24.33
CA MET C 131 -6.01 -1.51 23.45
C MET C 131 -6.97 -2.69 23.47
N LEU C 132 -8.21 -2.42 23.08
CA LEU C 132 -9.21 -3.46 22.88
C LEU C 132 -9.68 -3.37 21.44
N ILE C 133 -9.41 -4.40 20.66
CA ILE C 133 -9.76 -4.46 19.25
C ILE C 133 -10.93 -5.43 19.12
N ALA C 134 -12.09 -4.91 18.77
CA ALA C 134 -13.34 -5.65 18.81
C ALA C 134 -13.94 -5.77 17.42
N TYR C 135 -14.34 -6.99 17.09
CA TYR C 135 -15.13 -7.28 15.90
C TYR C 135 -16.57 -7.52 16.32
N THR C 136 -17.48 -6.78 15.70
CA THR C 136 -18.91 -6.82 15.97
C THR C 136 -19.60 -7.45 14.77
N PRO C 137 -20.21 -8.63 14.90
CA PRO C 137 -20.85 -9.26 13.74
C PRO C 137 -22.02 -8.44 13.23
N PRO C 138 -22.64 -8.88 12.14
CA PRO C 138 -23.73 -8.11 11.54
C PRO C 138 -24.92 -7.97 12.48
N GLY C 139 -25.72 -6.95 12.22
CA GLY C 139 -26.92 -6.67 12.99
C GLY C 139 -26.68 -5.69 14.11
N GLY C 140 -25.63 -5.91 14.90
CA GLY C 140 -25.26 -4.99 15.94
C GLY C 140 -24.75 -3.69 15.35
N PRO C 141 -25.22 -2.55 15.88
CA PRO C 141 -24.76 -1.27 15.35
C PRO C 141 -23.32 -0.96 15.75
N LEU C 142 -22.85 0.23 15.43
CA LEU C 142 -21.52 0.66 15.85
C LEU C 142 -21.54 0.90 17.35
N PRO C 143 -20.71 0.21 18.13
CA PRO C 143 -20.79 0.36 19.59
C PRO C 143 -20.58 1.81 20.01
N LYS C 144 -21.42 2.27 20.93
CA LYS C 144 -21.29 3.63 21.44
C LYS C 144 -20.15 3.77 22.42
N ASP C 145 -19.77 2.69 23.10
CA ASP C 145 -18.71 2.75 24.10
C ASP C 145 -18.05 1.38 24.21
N ARG C 146 -16.98 1.33 24.99
CA ARG C 146 -16.19 0.11 25.10
C ARG C 146 -16.99 -1.03 25.70
N ALA C 147 -17.92 -0.74 26.61
CA ALA C 147 -18.71 -1.80 27.22
C ALA C 147 -19.57 -2.52 26.18
N THR C 148 -20.15 -1.78 25.23
CA THR C 148 -20.94 -2.42 24.19
C THR C 148 -20.06 -3.21 23.23
N ALA C 149 -18.87 -2.68 22.90
CA ALA C 149 -18.00 -3.37 21.96
C ALA C 149 -17.43 -4.65 22.56
N MET C 150 -17.22 -4.67 23.87
CA MET C 150 -16.64 -5.83 24.53
C MET C 150 -17.53 -7.06 24.41
N LEU C 151 -18.79 -6.90 24.04
CA LEU C 151 -19.72 -8.02 23.96
C LEU C 151 -19.54 -8.87 22.71
N GLY C 152 -18.89 -8.35 21.67
CA GLY C 152 -18.60 -9.11 20.47
C GLY C 152 -17.27 -9.82 20.59
N THR C 153 -16.78 -10.32 19.46
CA THR C 153 -15.45 -10.90 19.45
C THR C 153 -14.44 -9.81 19.70
N HIS C 154 -13.35 -10.13 20.40
CA HIS C 154 -12.40 -9.06 20.68
C HIS C 154 -11.12 -9.63 21.25
N VAL C 155 -10.05 -8.86 21.09
CA VAL C 155 -8.74 -9.16 21.65
C VAL C 155 -8.27 -7.94 22.44
N ILE C 156 -7.43 -8.19 23.43
CA ILE C 156 -6.82 -7.13 24.24
C ILE C 156 -5.34 -7.14 23.94
N TRP C 157 -4.86 -6.03 23.37
CA TRP C 157 -3.50 -5.89 22.90
C TRP C 157 -2.68 -5.13 23.93
N ASP C 158 -1.51 -5.67 24.26
CA ASP C 158 -0.58 -5.03 25.20
C ASP C 158 0.68 -4.66 24.43
N PHE C 159 1.00 -3.36 24.40
CA PHE C 159 2.24 -2.94 23.77
C PHE C 159 3.43 -3.50 24.55
N GLY C 160 4.38 -4.05 23.85
CA GLY C 160 5.55 -4.64 24.48
C GLY C 160 6.64 -4.89 23.48
N LEU C 161 7.50 -5.87 23.80
CA LEU C 161 8.58 -6.21 22.90
C LEU C 161 8.06 -6.69 21.56
N GLN C 162 6.95 -7.44 21.56
CA GLN C 162 6.26 -7.80 20.33
C GLN C 162 5.35 -6.63 19.97
N SER C 163 5.66 -5.97 18.86
CA SER C 163 5.02 -4.71 18.50
C SER C 163 3.83 -4.89 17.57
N SER C 164 3.35 -6.12 17.43
CA SER C 164 2.24 -6.39 16.53
C SER C 164 1.26 -7.34 17.19
N VAL C 165 -0.02 -7.15 16.91
CA VAL C 165 -1.07 -8.05 17.34
C VAL C 165 -1.87 -8.45 16.11
N THR C 166 -2.51 -9.61 16.18
CA THR C 166 -3.38 -10.10 15.11
C THR C 166 -4.79 -10.22 15.66
N LEU C 167 -5.73 -9.56 15.00
CA LEU C 167 -7.16 -9.80 15.19
C LEU C 167 -7.63 -10.69 14.07
N VAL C 168 -8.09 -11.89 14.42
CA VAL C 168 -8.67 -12.81 13.45
C VAL C 168 -10.17 -12.56 13.41
N ILE C 169 -10.66 -12.06 12.29
CA ILE C 169 -12.09 -11.87 12.06
C ILE C 169 -12.64 -13.19 11.57
N PRO C 170 -13.29 -13.97 12.43
CA PRO C 170 -13.74 -15.30 12.02
C PRO C 170 -14.89 -15.23 11.03
N TRP C 171 -15.03 -16.30 10.26
CA TRP C 171 -16.11 -16.38 9.29
C TRP C 171 -17.40 -16.67 10.03
N ILE C 172 -18.15 -15.62 10.33
CA ILE C 172 -19.45 -15.75 10.98
C ILE C 172 -20.47 -15.20 9.99
N SER C 173 -21.04 -16.09 9.19
CA SER C 173 -22.00 -15.71 8.17
C SER C 173 -23.11 -16.75 8.13
N ASN C 174 -24.31 -16.30 7.76
CA ASN C 174 -25.38 -17.26 7.55
C ASN C 174 -25.21 -18.03 6.26
N THR C 175 -24.56 -17.42 5.27
CA THR C 175 -24.29 -18.06 3.99
C THR C 175 -22.87 -18.61 3.94
N HIS C 176 -22.63 -19.53 3.02
CA HIS C 176 -21.29 -20.10 2.84
C HIS C 176 -20.36 -19.12 2.16
N TYR C 177 -20.85 -18.38 1.17
CA TYR C 177 -20.14 -17.30 0.55
C TYR C 177 -20.85 -15.99 0.82
N ARG C 178 -20.11 -14.90 0.66
CA ARG C 178 -20.66 -13.55 0.79
C ARG C 178 -20.42 -12.81 -0.51
N ALA C 179 -21.48 -12.25 -1.07
CA ALA C 179 -21.29 -11.23 -2.10
C ALA C 179 -20.79 -9.95 -1.43
N HIS C 180 -20.09 -9.13 -2.21
CA HIS C 180 -19.55 -7.90 -1.67
C HIS C 180 -20.67 -7.05 -1.10
N ALA C 181 -20.50 -6.62 0.15
CA ALA C 181 -21.49 -5.78 0.79
C ALA C 181 -21.53 -4.41 0.13
N ARG C 182 -22.70 -3.79 0.18
CA ARG C 182 -22.89 -2.49 -0.45
C ARG C 182 -24.10 -1.83 0.22
N ASP C 183 -24.21 -0.53 0.03
CA ASP C 183 -25.39 0.18 0.53
C ASP C 183 -26.62 -0.29 -0.23
N GLY C 184 -27.72 -0.48 0.52
CA GLY C 184 -28.93 -0.98 -0.07
C GLY C 184 -29.27 -2.37 0.45
N VAL C 185 -29.92 -3.17 -0.39
CA VAL C 185 -30.26 -4.53 0.01
C VAL C 185 -29.00 -5.38 0.20
N PHE C 186 -27.94 -5.08 -0.54
CA PHE C 186 -26.70 -5.84 -0.43
C PHE C 186 -25.97 -5.59 0.88
N ASP C 187 -26.40 -4.60 1.67
CA ASP C 187 -25.93 -4.53 3.05
C ASP C 187 -26.30 -5.79 3.82
N TYR C 188 -27.15 -6.64 3.26
CA TYR C 188 -27.40 -7.96 3.82
C TYR C 188 -26.12 -8.76 3.96
N TYR C 189 -25.10 -8.45 3.15
CA TYR C 189 -23.85 -9.20 3.15
C TYR C 189 -22.77 -8.53 3.98
N THR C 190 -23.13 -7.60 4.86
CA THR C 190 -22.13 -6.92 5.66
C THR C 190 -21.46 -7.88 6.61
N THR C 191 -20.17 -7.65 6.86
CA THR C 191 -19.38 -8.52 7.71
C THR C 191 -19.43 -8.11 9.17
N GLY C 192 -19.62 -6.84 9.46
CA GLY C 192 -19.53 -6.31 10.80
C GLY C 192 -18.58 -5.14 10.86
N LEU C 193 -18.26 -4.73 12.09
CA LEU C 193 -17.45 -3.54 12.32
C LEU C 193 -16.26 -3.89 13.20
N VAL C 194 -15.09 -3.39 12.84
CA VAL C 194 -13.90 -3.49 13.67
C VAL C 194 -13.68 -2.14 14.33
N SER C 195 -13.67 -2.13 15.66
CA SER C 195 -13.44 -0.94 16.46
C SER C 195 -12.18 -1.14 17.29
N ILE C 196 -11.55 -0.02 17.65
CA ILE C 196 -10.37 -0.01 18.51
C ILE C 196 -10.63 0.97 19.63
N TRP C 197 -10.47 0.52 20.87
CA TRP C 197 -10.72 1.34 22.05
C TRP C 197 -9.49 1.29 22.95
N TYR C 198 -9.42 2.24 23.87
CA TYR C 198 -8.36 2.24 24.87
C TYR C 198 -8.76 1.35 26.03
N GLN C 199 -8.01 0.27 26.23
CA GLN C 199 -8.20 -0.56 27.42
C GLN C 199 -7.69 0.18 28.66
N THR C 200 -6.45 0.65 28.60
CA THR C 200 -5.87 1.57 29.57
C THR C 200 -5.47 2.84 28.81
N ASN C 201 -4.69 3.70 29.45
CA ASN C 201 -4.21 4.88 28.78
C ASN C 201 -2.96 4.56 27.96
N TYR C 202 -2.58 5.51 27.12
CA TYR C 202 -1.28 5.51 26.45
C TYR C 202 -0.31 6.28 27.33
N VAL C 203 0.68 5.59 27.87
CA VAL C 203 1.54 6.14 28.91
C VAL C 203 2.96 6.24 28.38
N VAL C 204 3.59 7.39 28.60
CA VAL C 204 4.98 7.60 28.21
C VAL C 204 5.70 8.31 29.35
N PRO C 205 7.02 8.17 29.46
CA PRO C 205 7.78 8.98 30.40
C PRO C 205 8.08 10.35 29.79
N ILE C 206 8.77 11.18 30.57
CA ILE C 206 9.19 12.47 30.06
C ILE C 206 10.19 12.26 28.92
N GLY C 207 10.06 13.06 27.87
CA GLY C 207 10.99 13.00 26.76
C GLY C 207 10.60 12.07 25.64
N ALA C 208 9.49 11.35 25.77
CA ALA C 208 9.00 10.51 24.70
C ALA C 208 7.78 11.15 24.03
N PRO C 209 7.62 11.00 22.72
CA PRO C 209 6.48 11.64 22.06
C PRO C 209 5.16 11.17 22.64
N ASN C 210 4.25 12.12 22.84
CA ASN C 210 2.95 11.81 23.43
C ASN C 210 2.01 11.15 22.44
N THR C 211 2.33 11.15 21.16
CA THR C 211 1.49 10.54 20.13
C THR C 211 2.33 9.57 19.30
N ALA C 212 1.80 8.37 19.11
CA ALA C 212 2.40 7.39 18.22
C ALA C 212 1.39 7.07 17.11
N TYR C 213 1.77 6.16 16.22
CA TYR C 213 0.90 5.76 15.14
C TYR C 213 0.87 4.24 15.03
N ILE C 214 -0.29 3.72 14.65
CA ILE C 214 -0.50 2.30 14.43
C ILE C 214 -0.67 2.08 12.93
N ILE C 215 -0.03 1.04 12.42
CA ILE C 215 -0.12 0.66 11.02
C ILE C 215 -0.89 -0.66 10.94
N ALA C 216 -1.96 -0.67 10.15
CA ALA C 216 -2.79 -1.85 10.01
C ALA C 216 -2.48 -2.56 8.71
N LEU C 217 -2.39 -3.89 8.77
CA LEU C 217 -2.05 -4.71 7.62
C LEU C 217 -3.03 -5.87 7.56
N ALA C 218 -3.84 -5.93 6.52
CA ALA C 218 -4.89 -6.93 6.43
C ALA C 218 -4.48 -8.07 5.50
N ALA C 219 -5.11 -9.22 5.69
CA ALA C 219 -4.86 -10.37 4.84
C ALA C 219 -5.99 -11.38 5.07
N ALA C 220 -5.92 -12.46 4.31
CA ALA C 220 -6.87 -13.56 4.41
C ALA C 220 -6.22 -14.74 5.10
N GLN C 221 -7.06 -15.56 5.73
CA GLN C 221 -6.60 -16.80 6.37
C GLN C 221 -6.49 -17.89 5.31
N LYS C 222 -6.27 -19.13 5.76
CA LYS C 222 -6.09 -20.25 4.84
C LYS C 222 -7.40 -20.89 4.41
N ASN C 223 -8.50 -20.63 5.13
CA ASN C 223 -9.82 -21.08 4.72
C ASN C 223 -10.50 -20.07 3.81
N PHE C 224 -9.74 -19.17 3.20
CA PHE C 224 -10.28 -18.13 2.34
C PHE C 224 -10.37 -18.60 0.90
N THR C 225 -11.47 -18.25 0.24
CA THR C 225 -11.69 -18.60 -1.15
C THR C 225 -12.56 -17.53 -1.79
N MET C 226 -12.51 -17.46 -3.12
CA MET C 226 -13.32 -16.54 -3.90
C MET C 226 -13.86 -17.30 -5.11
N LYS C 227 -14.94 -16.77 -5.68
CA LYS C 227 -15.54 -17.38 -6.85
C LYS C 227 -16.38 -16.36 -7.61
N LEU C 228 -16.70 -16.74 -8.86
CA LEU C 228 -17.49 -15.93 -9.79
C LEU C 228 -16.74 -14.66 -10.19
N CYS C 229 -15.62 -14.89 -10.88
CA CYS C 229 -14.77 -13.79 -11.34
C CYS C 229 -15.56 -12.83 -12.22
N LYS C 230 -15.27 -11.54 -12.05
CA LYS C 230 -15.97 -10.48 -12.76
C LYS C 230 -14.98 -9.37 -13.07
N ASP C 231 -15.50 -8.22 -13.50
CA ASP C 231 -14.68 -7.03 -13.75
C ASP C 231 -14.78 -6.07 -12.58
N THR C 232 -13.66 -5.44 -12.25
CA THR C 232 -13.58 -4.61 -11.05
C THR C 232 -14.33 -3.31 -11.22
N SER C 233 -15.14 -2.97 -10.23
CA SER C 233 -15.60 -1.60 -10.03
C SER C 233 -14.73 -0.89 -9.00
N HIS C 234 -13.41 -0.93 -9.20
CA HIS C 234 -12.45 -0.39 -8.24
C HIS C 234 -11.64 0.78 -8.76
N ILE C 235 -11.39 0.87 -10.06
CA ILE C 235 -10.57 1.95 -10.60
C ILE C 235 -11.36 2.72 -11.65
N LEU C 236 -11.92 2.01 -12.64
CA LEU C 236 -12.81 2.61 -13.63
C LEU C 236 -12.16 3.82 -14.32
N GLN C 237 -11.14 3.52 -15.13
CA GLN C 237 -10.49 4.55 -15.91
C GLN C 237 -11.53 5.41 -16.64
N THR C 238 -11.23 6.70 -16.76
CA THR C 238 -12.15 7.68 -17.31
C THR C 238 -11.57 8.38 -18.54
N ALA C 239 -10.82 7.66 -19.36
CA ALA C 239 -10.25 8.23 -20.58
C ALA C 239 -9.68 7.10 -21.42
N SER C 240 -9.01 7.46 -22.52
CA SER C 240 -8.33 6.51 -23.38
C SER C 240 -6.82 6.65 -23.21
N ILE C 241 -6.10 5.62 -23.64
CA ILE C 241 -4.66 5.54 -23.49
C ILE C 241 -4.02 5.98 -24.81
N GLN C 242 -3.16 7.00 -24.75
CA GLN C 242 -2.51 7.51 -25.94
C GLN C 242 -1.34 6.61 -26.35
N SER D 1 1.22 -40.51 -29.26
CA SER D 1 0.94 -39.08 -29.27
C SER D 1 2.04 -38.34 -30.02
N HIS D 2 1.85 -38.21 -31.34
CA HIS D 2 2.86 -37.67 -32.23
C HIS D 2 2.61 -36.22 -32.58
N GLU D 3 2.20 -35.42 -31.60
CA GLU D 3 2.12 -33.98 -31.73
C GLU D 3 3.28 -33.34 -30.97
N ASN D 4 3.97 -32.40 -31.61
CA ASN D 4 5.12 -31.76 -31.00
C ASN D 4 4.70 -30.91 -29.82
N SER D 5 5.52 -30.95 -28.76
CA SER D 5 5.19 -30.26 -27.51
C SER D 5 5.53 -28.77 -27.61
N ASN D 6 4.61 -27.99 -28.16
CA ASN D 6 4.82 -26.57 -28.38
C ASN D 6 4.17 -25.68 -27.34
N SER D 7 3.50 -26.25 -26.35
CA SER D 7 2.73 -25.44 -25.41
C SER D 7 3.67 -24.59 -24.54
N ALA D 8 3.11 -23.51 -24.02
CA ALA D 8 3.82 -22.63 -23.10
C ALA D 8 3.93 -23.20 -21.69
N THR D 9 3.46 -24.41 -21.47
CA THR D 9 3.51 -25.05 -20.16
C THR D 9 4.05 -26.47 -20.27
N GLU D 10 4.93 -26.71 -21.22
CA GLU D 10 5.54 -28.03 -21.38
C GLU D 10 6.59 -28.22 -20.30
N GLY D 11 6.45 -29.26 -19.51
CA GLY D 11 7.20 -29.40 -18.26
C GLY D 11 6.45 -28.76 -17.10
N SER D 12 7.06 -27.74 -16.50
CA SER D 12 6.38 -26.90 -15.51
C SER D 12 5.99 -27.67 -14.25
N THR D 13 6.39 -28.95 -14.16
CA THR D 13 6.06 -29.78 -13.01
C THR D 13 4.55 -29.72 -12.72
N ILE D 14 3.77 -29.93 -13.78
CA ILE D 14 2.31 -29.81 -13.71
C ILE D 14 1.71 -30.79 -14.69
N ASN D 15 0.42 -31.08 -14.52
CA ASN D 15 -0.30 -32.04 -15.36
C ASN D 15 -1.64 -31.43 -15.77
N TYR D 16 -1.71 -30.97 -17.01
CA TYR D 16 -2.94 -30.43 -17.57
C TYR D 16 -3.79 -31.53 -18.18
N THR D 17 -5.01 -31.18 -18.57
CA THR D 17 -5.93 -32.07 -19.28
C THR D 17 -6.57 -31.26 -20.39
N THR D 18 -5.97 -31.30 -21.57
CA THR D 18 -6.34 -30.44 -22.68
C THR D 18 -6.89 -31.26 -23.84
N ILE D 19 -7.70 -30.61 -24.66
CA ILE D 19 -8.26 -31.20 -25.88
C ILE D 19 -7.60 -30.50 -27.06
N ASN D 20 -7.11 -31.28 -28.01
CA ASN D 20 -6.38 -30.73 -29.15
C ASN D 20 -6.79 -31.45 -30.43
N TYR D 21 -6.91 -30.68 -31.51
CA TYR D 21 -7.21 -31.23 -32.83
C TYR D 21 -6.14 -30.86 -33.85
N TYR D 22 -4.94 -30.50 -33.40
CA TYR D 22 -3.85 -30.13 -34.29
C TYR D 22 -2.56 -30.74 -33.78
N LYS D 23 -1.54 -30.71 -34.64
CA LYS D 23 -0.24 -31.24 -34.28
C LYS D 23 0.54 -30.30 -33.37
N ASP D 24 0.12 -29.05 -33.23
CA ASP D 24 0.79 -28.10 -32.37
C ASP D 24 0.09 -28.05 -31.01
N SER D 25 0.88 -28.19 -29.95
CA SER D 25 0.30 -28.33 -28.62
C SER D 25 -0.26 -27.00 -28.11
N TYR D 26 0.31 -25.88 -28.55
CA TYR D 26 -0.13 -24.59 -28.05
C TYR D 26 -1.50 -24.18 -28.56
N ALA D 27 -2.06 -24.91 -29.52
CA ALA D 27 -3.39 -24.66 -30.02
C ALA D 27 -4.46 -25.41 -29.24
N ALA D 28 -4.08 -26.13 -28.19
CA ALA D 28 -5.02 -26.93 -27.43
C ALA D 28 -5.90 -26.03 -26.55
N THR D 29 -6.74 -26.66 -25.75
CA THR D 29 -7.58 -25.96 -24.79
C THR D 29 -6.75 -25.55 -23.57
N ALA D 30 -7.38 -24.82 -22.65
CA ALA D 30 -6.69 -24.44 -21.42
C ALA D 30 -6.51 -25.65 -20.50
N GLY D 31 -7.55 -26.45 -20.34
CA GLY D 31 -7.49 -27.59 -19.44
C GLY D 31 -7.74 -27.19 -18.00
N LYS D 32 -7.45 -28.12 -17.10
CA LYS D 32 -7.58 -27.91 -15.67
C LYS D 32 -6.19 -27.75 -15.07
N GLN D 33 -5.88 -26.55 -14.61
CA GLN D 33 -4.60 -26.30 -13.97
C GLN D 33 -4.52 -27.00 -12.61
N SER D 34 -3.31 -27.41 -12.23
CA SER D 34 -3.13 -28.12 -10.98
C SER D 34 -3.44 -27.20 -9.80
N LEU D 35 -4.13 -27.74 -8.81
CA LEU D 35 -4.52 -26.97 -7.63
C LEU D 35 -3.50 -27.09 -6.51
N LYS D 36 -2.24 -26.83 -6.82
CA LYS D 36 -1.21 -26.73 -5.81
C LYS D 36 -1.13 -25.29 -5.29
N GLN D 37 -0.37 -25.11 -4.22
CA GLN D 37 -0.30 -23.80 -3.59
C GLN D 37 0.94 -23.73 -2.72
N ASP D 38 1.72 -22.66 -2.88
CA ASP D 38 2.91 -22.42 -2.08
C ASP D 38 2.79 -21.00 -1.51
N PRO D 39 2.04 -20.83 -0.43
CA PRO D 39 1.79 -19.48 0.08
C PRO D 39 2.98 -18.89 0.83
N ASP D 40 3.74 -19.74 1.51
CA ASP D 40 4.86 -19.26 2.30
C ASP D 40 5.93 -18.60 1.45
N LYS D 41 5.92 -18.82 0.13
CA LYS D 41 6.87 -18.14 -0.74
C LYS D 41 6.72 -16.64 -0.65
N PHE D 42 5.55 -16.14 -0.27
CA PHE D 42 5.31 -14.72 -0.09
C PHE D 42 4.87 -14.35 1.31
N ALA D 43 4.09 -15.20 1.99
CA ALA D 43 3.60 -14.89 3.31
C ALA D 43 4.69 -15.05 4.37
N ASN D 44 5.50 -16.09 4.29
CA ASN D 44 6.52 -16.38 5.31
C ASN D 44 7.84 -16.75 4.64
N PRO D 45 8.47 -15.81 3.94
CA PRO D 45 9.80 -16.03 3.36
C PRO D 45 10.95 -15.73 4.31
N VAL D 46 10.88 -16.28 5.52
CA VAL D 46 11.91 -16.05 6.52
C VAL D 46 12.88 -17.22 6.50
N LYS D 47 14.17 -16.90 6.68
CA LYS D 47 15.19 -17.94 6.69
C LYS D 47 14.97 -18.91 7.83
N ASP D 48 14.69 -18.39 9.03
CA ASP D 48 14.49 -19.20 10.23
C ASP D 48 13.00 -19.18 10.56
N ILE D 49 12.35 -20.32 10.37
CA ILE D 49 10.91 -20.42 10.62
C ILE D 49 10.65 -20.35 12.12
N PHE D 50 9.48 -19.83 12.47
CA PHE D 50 9.00 -19.83 13.86
C PHE D 50 7.56 -20.31 13.88
N THR D 51 7.20 -20.98 14.97
CA THR D 51 5.86 -21.53 15.14
C THR D 51 4.89 -20.43 15.52
N GLU D 52 3.60 -20.72 15.33
CA GLU D 52 2.56 -19.77 15.70
C GLU D 52 2.61 -19.46 17.19
N MET D 53 2.81 -20.47 18.04
CA MET D 53 2.77 -20.29 19.48
C MET D 53 3.96 -19.50 20.01
N ALA D 54 5.13 -19.63 19.39
CA ALA D 54 6.32 -19.00 19.90
C ALA D 54 6.32 -17.49 19.60
N ALA D 55 7.02 -16.74 20.44
CA ALA D 55 7.21 -15.32 20.20
C ALA D 55 8.16 -15.13 19.03
N PRO D 56 7.77 -14.42 17.97
CA PRO D 56 8.64 -14.34 16.79
C PRO D 56 10.04 -13.83 17.09
N LEU D 57 10.18 -12.86 18.00
CA LEU D 57 11.46 -12.22 18.27
C LEU D 57 11.94 -12.66 19.64
N LYS D 58 13.02 -13.44 19.66
CA LYS D 58 13.66 -13.87 20.90
C LYS D 58 15.17 -14.02 20.69
N GLN E 6 -21.11 15.49 41.58
CA GLN E 6 -19.99 15.65 40.62
C GLN E 6 -19.21 16.93 40.91
N LEU E 7 -18.04 17.06 40.28
CA LEU E 7 -17.16 18.17 40.58
C LEU E 7 -17.79 19.49 40.17
N GLN E 8 -17.48 20.54 40.94
CA GLN E 8 -17.98 21.88 40.65
C GLN E 8 -16.93 22.91 41.05
N LEU E 9 -16.83 23.97 40.24
CA LEU E 9 -15.93 25.08 40.49
C LEU E 9 -16.74 26.38 40.57
N GLN E 10 -16.41 27.21 41.55
CA GLN E 10 -17.13 28.47 41.76
C GLN E 10 -16.15 29.44 42.43
N GLU E 11 -15.65 30.39 41.65
CA GLU E 11 -14.60 31.30 42.09
C GLU E 11 -15.20 32.62 42.58
N SER E 12 -14.41 33.34 43.38
CA SER E 12 -14.82 34.61 43.96
C SER E 12 -13.66 35.60 43.90
N GLY E 13 -14.01 36.88 43.82
CA GLY E 13 -13.04 37.94 43.79
C GLY E 13 -13.67 39.29 43.54
N PRO E 14 -13.00 40.37 43.93
CA PRO E 14 -13.58 41.71 43.75
C PRO E 14 -13.89 42.01 42.29
N GLY E 15 -15.02 42.68 42.06
CA GLY E 15 -15.42 43.04 40.71
C GLY E 15 -14.79 44.29 40.15
N LEU E 16 -14.35 45.21 41.01
CA LEU E 16 -13.71 46.45 40.59
C LEU E 16 -12.28 46.47 41.09
N VAL E 17 -11.33 46.63 40.16
CA VAL E 17 -9.90 46.66 40.47
C VAL E 17 -9.30 47.78 39.63
N LYS E 18 -9.10 48.95 40.23
CA LYS E 18 -8.55 50.07 39.49
C LYS E 18 -7.07 49.83 39.20
N PRO E 19 -6.51 50.54 38.22
CA PRO E 19 -5.15 50.22 37.76
C PRO E 19 -4.15 50.19 38.89
N SER E 20 -3.07 49.45 38.66
CA SER E 20 -1.94 49.31 39.60
C SER E 20 -2.36 48.60 40.89
N GLU E 21 -3.54 47.99 40.91
CA GLU E 21 -3.99 47.23 42.06
C GLU E 21 -3.42 45.82 41.98
N THR E 22 -3.82 44.95 42.91
CA THR E 22 -3.39 43.55 42.95
C THR E 22 -4.63 42.70 42.70
N LEU E 23 -4.97 42.49 41.44
CA LEU E 23 -6.12 41.67 41.09
C LEU E 23 -5.93 40.26 41.64
N SER E 24 -6.87 39.81 42.46
CA SER E 24 -6.77 38.53 43.15
C SER E 24 -8.08 37.79 43.05
N LEU E 25 -8.01 36.51 42.70
CA LEU E 25 -9.16 35.62 42.64
C LEU E 25 -8.95 34.46 43.62
N THR E 26 -10.00 33.67 43.80
CA THR E 26 -9.91 32.47 44.62
C THR E 26 -10.95 31.48 44.12
N CYS E 27 -10.49 30.35 43.58
CA CYS E 27 -11.36 29.33 43.01
C CYS E 27 -11.44 28.17 44.00
N THR E 28 -12.63 27.84 44.45
CA THR E 28 -12.87 26.72 45.35
C THR E 28 -13.47 25.54 44.59
N VAL E 29 -13.07 24.34 44.99
CA VAL E 29 -13.53 23.11 44.38
C VAL E 29 -14.51 22.43 45.33
N SER E 30 -15.70 22.10 44.82
CA SER E 30 -16.73 21.44 45.60
C SER E 30 -17.08 20.10 44.96
N GLY E 31 -17.46 19.14 45.79
CA GLY E 31 -17.80 17.83 45.28
C GLY E 31 -16.63 17.01 44.81
N GLY E 32 -15.42 17.33 45.27
CA GLY E 32 -14.25 16.59 44.86
C GLY E 32 -13.02 17.07 45.61
N SER E 33 -11.91 16.42 45.31
CA SER E 33 -10.63 16.69 45.97
C SER E 33 -9.71 17.43 45.02
N ILE E 34 -9.12 18.53 45.49
CA ILE E 34 -8.12 19.22 44.70
C ILE E 34 -6.80 18.45 44.66
N SER E 35 -6.54 17.59 45.64
CA SER E 35 -5.31 16.81 45.70
C SER E 35 -5.48 15.53 44.88
N SER E 36 -5.49 15.71 43.56
CA SER E 36 -5.53 14.61 42.61
C SER E 36 -4.31 14.70 41.70
N SER E 37 -3.61 13.58 41.54
CA SER E 37 -2.33 13.59 40.86
C SER E 37 -2.45 13.67 39.34
N SER E 38 -3.65 13.54 38.79
CA SER E 38 -3.86 13.51 37.34
C SER E 38 -4.57 14.74 36.83
N TYR E 39 -4.55 15.84 37.60
CA TYR E 39 -5.24 17.06 37.20
C TYR E 39 -4.42 18.28 37.61
N TYR E 40 -4.35 19.25 36.70
CA TYR E 40 -3.88 20.59 37.01
C TYR E 40 -5.08 21.53 37.12
N TRP E 41 -4.82 22.74 37.62
CA TRP E 41 -5.87 23.73 37.83
C TRP E 41 -5.46 25.01 37.12
N GLY E 42 -6.17 25.34 36.04
CA GLY E 42 -5.78 26.42 35.16
C GLY E 42 -6.70 27.62 35.24
N TRP E 43 -6.14 28.77 34.87
CA TRP E 43 -6.86 30.03 34.81
C TRP E 43 -6.91 30.51 33.37
N ILE E 44 -8.10 30.86 32.90
CA ILE E 44 -8.32 31.30 31.52
C ILE E 44 -8.90 32.70 31.55
N ARG E 45 -8.33 33.59 30.74
CA ARG E 45 -8.77 34.97 30.64
C ARG E 45 -9.36 35.20 29.26
N GLN E 46 -10.51 35.89 29.22
CA GLN E 46 -11.19 36.21 27.97
C GLN E 46 -11.55 37.69 27.99
N PRO E 47 -10.90 38.53 27.19
CA PRO E 47 -11.32 39.92 27.08
C PRO E 47 -12.73 40.00 26.53
N PRO E 48 -13.48 41.02 26.90
CA PRO E 48 -14.88 41.12 26.44
C PRO E 48 -14.96 41.20 24.93
N GLY E 49 -15.69 40.27 24.34
CA GLY E 49 -15.89 40.23 22.91
C GLY E 49 -14.75 39.63 22.11
N LYS E 50 -13.71 39.14 22.77
CA LYS E 50 -12.56 38.55 22.11
C LYS E 50 -12.46 37.07 22.49
N GLY E 51 -11.36 36.44 22.07
CA GLY E 51 -11.15 35.02 22.30
C GLY E 51 -10.62 34.74 23.69
N LEU E 52 -10.29 33.48 23.91
CA LEU E 52 -9.78 33.00 25.18
C LEU E 52 -8.24 33.13 25.22
N GLU E 53 -7.70 33.05 26.43
CA GLU E 53 -6.25 33.08 26.60
C GLU E 53 -5.91 32.43 27.95
N TRP E 54 -5.29 31.25 27.89
CA TRP E 54 -4.89 30.55 29.11
C TRP E 54 -3.77 31.32 29.81
N ILE E 55 -3.89 31.41 31.14
CA ILE E 55 -2.94 32.18 31.94
C ILE E 55 -1.88 31.26 32.51
N GLY E 56 -2.31 30.33 33.35
CA GLY E 56 -1.37 29.43 34.00
C GLY E 56 -2.10 28.34 34.74
N SER E 57 -1.37 27.25 34.97
CA SER E 57 -1.88 26.09 35.69
C SER E 57 -1.03 25.81 36.92
N ILE E 58 -1.70 25.32 37.97
CA ILE E 58 -1.07 24.98 39.23
C ILE E 58 -1.30 23.51 39.50
N TYR E 59 -0.28 22.84 40.04
CA TYR E 59 -0.40 21.47 40.49
C TYR E 59 -0.56 21.43 42.00
N TYR E 60 -1.34 20.46 42.48
CA TYR E 60 -1.66 20.44 43.91
C TYR E 60 -0.42 20.34 44.78
N SER E 61 0.70 19.86 44.23
CA SER E 61 1.96 19.88 44.94
C SER E 61 2.68 21.22 44.86
N GLY E 62 2.10 22.19 44.17
CA GLY E 62 2.66 23.53 44.05
C GLY E 62 3.33 23.82 42.73
N SER E 63 3.61 22.81 41.91
CA SER E 63 4.27 23.04 40.64
C SER E 63 3.38 23.88 39.74
N THR E 64 4.01 24.72 38.91
CA THR E 64 3.31 25.70 38.10
C THR E 64 3.74 25.60 36.64
N TYR E 65 2.85 26.06 35.77
CA TYR E 65 3.14 26.23 34.35
C TYR E 65 2.49 27.55 33.93
N TYR E 66 3.30 28.57 33.69
CA TYR E 66 2.80 29.90 33.40
C TYR E 66 2.80 30.18 31.90
N ASN E 67 1.94 31.12 31.50
CA ASN E 67 1.95 31.61 30.13
C ASN E 67 3.18 32.48 29.91
N PRO E 68 3.99 32.22 28.90
CA PRO E 68 5.21 33.04 28.71
C PRO E 68 4.93 34.53 28.59
N SER E 69 3.77 34.92 28.07
CA SER E 69 3.40 36.34 28.05
C SER E 69 3.10 36.88 29.44
N LEU E 70 2.87 35.99 30.42
CA LEU E 70 2.49 36.40 31.77
C LEU E 70 3.24 35.61 32.83
N LYS E 71 4.50 35.24 32.56
CA LYS E 71 5.24 34.39 33.49
C LYS E 71 5.70 35.15 34.73
N SER E 72 5.87 36.46 34.64
CA SER E 72 6.39 37.24 35.76
C SER E 72 5.33 38.05 36.49
N ARG E 73 4.23 38.40 35.83
CA ARG E 73 3.21 39.28 36.42
C ARG E 73 2.08 38.51 37.09
N VAL E 74 2.17 37.19 37.18
CA VAL E 74 1.10 36.38 37.75
C VAL E 74 1.68 35.49 38.85
N THR E 75 0.81 35.12 39.78
CA THR E 75 1.17 34.15 40.81
C THR E 75 -0.03 33.24 41.03
N ILE E 76 0.15 31.95 40.81
CA ILE E 76 -0.90 30.95 41.03
C ILE E 76 -0.48 30.11 42.22
N SER E 77 -1.35 30.03 43.22
CA SER E 77 -1.09 29.30 44.44
C SER E 77 -2.23 28.32 44.70
N VAL E 78 -1.93 27.27 45.47
CA VAL E 78 -2.91 26.25 45.80
C VAL E 78 -2.90 26.01 47.30
N ASP E 79 -4.09 26.01 47.90
CA ASP E 79 -4.28 25.64 49.30
C ASP E 79 -5.02 24.30 49.29
N THR E 80 -4.30 23.22 49.61
CA THR E 80 -4.91 21.90 49.65
C THR E 80 -5.78 21.71 50.90
N SER E 81 -5.54 22.49 51.96
CA SER E 81 -6.33 22.34 53.17
C SER E 81 -7.80 22.68 52.96
N LYS E 82 -8.09 23.79 52.27
CA LYS E 82 -9.46 24.21 52.03
C LYS E 82 -9.94 23.89 50.62
N ASN E 83 -9.17 23.13 49.85
CA ASN E 83 -9.52 22.78 48.47
C ASN E 83 -9.75 24.04 47.65
N GLN E 84 -8.69 24.83 47.49
CA GLN E 84 -8.79 26.08 46.75
C GLN E 84 -7.50 26.34 45.99
N PHE E 85 -7.59 27.22 44.99
CA PHE E 85 -6.42 27.78 44.35
C PHE E 85 -6.76 29.20 43.91
N SER E 86 -5.74 30.05 43.89
CA SER E 86 -5.91 31.48 43.70
C SER E 86 -4.93 32.01 42.66
N LEU E 87 -5.38 33.02 41.93
CA LEU E 87 -4.57 33.76 40.98
C LEU E 87 -4.40 35.19 41.46
N LYS E 88 -3.20 35.73 41.33
CA LYS E 88 -2.92 37.11 41.75
C LYS E 88 -2.11 37.80 40.67
N LEU E 89 -2.61 38.92 40.17
CA LEU E 89 -1.98 39.67 39.09
C LEU E 89 -1.38 40.96 39.65
N SER E 90 -0.12 41.21 39.30
CA SER E 90 0.60 42.39 39.75
C SER E 90 0.77 43.37 38.60
N SER E 91 0.75 44.66 38.92
CA SER E 91 0.87 45.73 37.94
C SER E 91 -0.21 45.60 36.87
N VAL E 92 -1.46 45.69 37.32
CA VAL E 92 -2.60 45.58 36.43
C VAL E 92 -2.65 46.81 35.52
N THR E 93 -3.17 46.62 34.32
CA THR E 93 -3.34 47.70 33.35
C THR E 93 -4.73 47.58 32.71
N ALA E 94 -4.99 48.46 31.74
CA ALA E 94 -6.27 48.44 31.03
C ALA E 94 -6.44 47.19 30.19
N ALA E 95 -5.35 46.60 29.71
CA ALA E 95 -5.39 45.37 28.93
C ALA E 95 -5.52 44.12 29.80
N ASP E 96 -5.90 44.27 31.07
CA ASP E 96 -6.04 43.15 31.98
C ASP E 96 -7.50 42.81 32.28
N THR E 97 -8.41 43.78 32.19
CA THR E 97 -9.82 43.51 32.42
C THR E 97 -10.32 42.42 31.48
N ALA E 98 -11.12 41.51 32.03
CA ALA E 98 -11.62 40.37 31.25
C ALA E 98 -12.53 39.54 32.14
N VAL E 99 -13.09 38.49 31.56
CA VAL E 99 -13.79 37.47 32.33
C VAL E 99 -12.83 36.30 32.53
N TYR E 100 -12.71 35.86 33.78
CA TYR E 100 -11.79 34.82 34.18
C TYR E 100 -12.56 33.56 34.55
N TYR E 101 -11.99 32.42 34.18
CA TYR E 101 -12.52 31.11 34.52
C TYR E 101 -11.41 30.28 35.15
N CYS E 102 -11.79 29.39 36.06
CA CYS E 102 -10.88 28.38 36.60
C CYS E 102 -11.38 27.01 36.16
N ALA E 103 -10.47 26.20 35.62
CA ALA E 103 -10.83 24.93 35.02
C ALA E 103 -9.91 23.82 35.50
N ARG E 104 -10.41 22.59 35.44
CA ARG E 104 -9.62 21.40 35.71
C ARG E 104 -9.03 20.93 34.39
N GLU E 105 -7.74 20.55 34.41
CA GLU E 105 -6.98 20.29 33.20
C GLU E 105 -6.32 18.92 33.29
N ILE E 106 -6.25 18.22 32.16
CA ILE E 106 -5.42 17.04 32.00
C ILE E 106 -4.33 17.39 31.02
N THR E 107 -3.07 17.34 31.46
CA THR E 107 -1.97 17.82 30.66
C THR E 107 -1.78 16.95 29.42
N MET E 108 -1.38 17.59 28.33
CA MET E 108 -1.04 16.94 27.07
C MET E 108 -2.26 16.42 26.31
N ILE E 109 -3.46 16.89 26.64
CA ILE E 109 -4.67 16.45 25.94
C ILE E 109 -5.50 17.66 25.52
N ALA E 110 -5.05 18.86 25.85
CA ALA E 110 -5.82 20.07 25.59
C ALA E 110 -7.19 19.98 26.26
N TRP E 111 -7.19 19.55 27.52
CA TRP E 111 -8.39 19.31 28.28
C TRP E 111 -8.63 20.46 29.25
N PHE E 112 -9.88 20.89 29.34
CA PHE E 112 -10.31 21.85 30.37
C PHE E 112 -11.78 21.55 30.67
N ASP E 113 -12.02 20.77 31.72
CA ASP E 113 -13.38 20.42 32.10
C ASP E 113 -13.38 19.80 33.49
N PRO E 114 -14.29 20.19 34.39
CA PRO E 114 -15.32 21.23 34.24
C PRO E 114 -14.79 22.65 34.45
N TRP E 115 -15.57 23.64 34.06
CA TRP E 115 -15.23 25.04 34.23
C TRP E 115 -16.04 25.64 35.37
N GLY E 116 -15.71 26.88 35.71
CA GLY E 116 -16.43 27.63 36.71
C GLY E 116 -17.61 28.39 36.12
N GLN E 117 -18.23 29.21 36.95
CA GLN E 117 -19.30 30.08 36.48
C GLN E 117 -18.76 31.28 35.71
N GLY E 118 -17.53 31.70 35.99
CA GLY E 118 -16.94 32.84 35.33
C GLY E 118 -17.14 34.12 36.13
N THR E 119 -16.08 34.92 36.24
CA THR E 119 -16.12 36.17 36.98
C THR E 119 -15.51 37.27 36.12
N LEU E 120 -16.27 38.33 35.86
CA LEU E 120 -15.83 39.41 34.98
C LEU E 120 -15.37 40.59 35.82
N VAL E 121 -14.16 41.08 35.54
CA VAL E 121 -13.56 42.19 36.26
C VAL E 121 -13.12 43.24 35.24
N THR E 122 -13.49 44.49 35.53
CA THR E 122 -13.19 45.64 34.67
C THR E 122 -12.26 46.58 35.42
N VAL E 123 -11.25 47.08 34.72
CA VAL E 123 -10.28 47.99 35.33
C VAL E 123 -10.81 49.41 35.18
N SER E 124 -11.22 50.01 36.30
CA SER E 124 -11.80 51.34 36.30
C SER E 124 -11.58 51.96 37.67
N SER E 125 -11.72 53.28 37.73
CA SER E 125 -11.55 54.00 38.99
C SER E 125 -12.90 54.55 39.46
N ASP F 6 6.11 31.48 20.18
CA ASP F 6 4.90 30.63 20.34
C ASP F 6 4.32 30.23 18.98
N ILE F 7 4.00 28.95 18.84
CA ILE F 7 3.31 28.46 17.65
C ILE F 7 1.85 28.88 17.75
N GLN F 8 1.36 29.56 16.71
CA GLN F 8 0.02 30.11 16.71
C GLN F 8 -0.87 29.35 15.72
N MET F 9 -2.06 28.99 16.16
CA MET F 9 -3.01 28.27 15.34
C MET F 9 -3.86 29.27 14.57
N THR F 10 -4.05 29.03 13.28
CA THR F 10 -4.95 29.80 12.45
C THR F 10 -6.19 28.96 12.15
N GLN F 11 -7.36 29.55 12.38
CA GLN F 11 -8.63 28.91 12.10
C GLN F 11 -9.24 29.45 10.82
N SER F 12 -10.14 28.66 10.23
CA SER F 12 -10.83 29.04 9.01
C SER F 12 -12.20 28.38 9.02
N PRO F 13 -13.28 29.14 8.76
CA PRO F 13 -13.36 30.59 8.63
C PRO F 13 -13.57 31.27 9.98
N SER F 14 -13.54 32.60 10.01
CA SER F 14 -13.80 33.34 11.24
C SER F 14 -15.28 33.50 11.54
N SER F 15 -16.14 33.13 10.60
CA SER F 15 -17.59 33.21 10.79
C SER F 15 -18.25 32.26 9.82
N LEU F 16 -19.51 31.91 10.09
CA LEU F 16 -20.24 30.99 9.24
C LEU F 16 -21.73 31.31 9.29
N SER F 17 -22.44 30.81 8.28
CA SER F 17 -23.89 30.89 8.22
C SER F 17 -24.38 29.68 7.44
N ALA F 18 -25.10 28.79 8.13
CA ALA F 18 -25.57 27.55 7.52
C ALA F 18 -27.00 27.30 7.98
N SER F 19 -27.57 26.20 7.49
CA SER F 19 -28.93 25.80 7.81
C SER F 19 -28.92 24.54 8.66
N VAL F 20 -30.09 24.25 9.24
CA VAL F 20 -30.23 23.03 10.03
C VAL F 20 -30.12 21.82 9.12
N GLY F 21 -29.42 20.79 9.59
CA GLY F 21 -29.25 19.56 8.83
C GLY F 21 -28.12 19.56 7.83
N ASP F 22 -27.30 20.61 7.80
CA ASP F 22 -26.16 20.69 6.91
C ASP F 22 -24.87 20.38 7.68
N ARG F 23 -23.82 20.07 6.93
CA ARG F 23 -22.53 19.74 7.50
C ARG F 23 -21.69 21.00 7.59
N VAL F 24 -21.23 21.34 8.79
CA VAL F 24 -20.43 22.54 9.03
C VAL F 24 -19.01 22.08 9.36
N THR F 25 -18.05 22.52 8.56
CA THR F 25 -16.64 22.14 8.71
C THR F 25 -15.83 23.38 9.06
N ILE F 26 -15.07 23.30 10.15
CA ILE F 26 -14.18 24.38 10.58
C ILE F 26 -12.78 23.80 10.75
N THR F 27 -11.80 24.43 10.12
CA THR F 27 -10.42 23.93 10.13
C THR F 27 -9.57 24.79 11.06
N CYS F 28 -8.58 24.16 11.68
CA CYS F 28 -7.64 24.84 12.56
C CYS F 28 -6.28 24.20 12.34
N ARG F 29 -5.32 24.97 11.83
CA ARG F 29 -4.02 24.41 11.47
C ARG F 29 -2.90 25.21 12.12
N ALA F 30 -2.02 24.50 12.81
CA ALA F 30 -0.89 25.10 13.51
C ALA F 30 0.29 25.27 12.56
N SER F 31 1.17 26.20 12.92
CA SER F 31 2.38 26.41 12.13
C SER F 31 3.30 25.20 12.19
N GLN F 32 3.41 24.57 13.36
CA GLN F 32 4.24 23.39 13.57
C GLN F 32 3.36 22.21 13.95
N GLY F 33 4.01 21.09 14.29
CA GLY F 33 3.32 19.85 14.55
C GLY F 33 3.18 19.57 16.04
N ILE F 34 1.95 19.33 16.47
CA ILE F 34 1.63 18.94 17.84
C ILE F 34 1.18 17.48 17.82
N ARG F 35 0.52 17.10 16.73
CA ARG F 35 0.24 15.73 16.32
C ARG F 35 -0.89 15.04 17.07
N ASN F 36 -1.24 15.49 18.27
CA ASN F 36 -2.59 15.26 18.79
C ASN F 36 -2.99 16.28 19.84
N ASP F 37 -2.11 17.23 20.16
CA ASP F 37 -2.28 18.06 21.35
C ASP F 37 -3.21 19.22 21.05
N LEU F 38 -4.40 18.88 20.56
CA LEU F 38 -5.39 19.87 20.20
C LEU F 38 -6.75 19.43 20.71
N GLY F 39 -7.52 20.40 21.21
CA GLY F 39 -8.88 20.14 21.64
C GLY F 39 -9.82 21.18 21.05
N TRP F 40 -11.09 20.84 21.04
CA TRP F 40 -12.13 21.70 20.50
C TRP F 40 -13.14 22.03 21.59
N TYR F 41 -13.40 23.33 21.77
CA TYR F 41 -14.28 23.83 22.81
C TYR F 41 -15.40 24.65 22.18
N GLN F 42 -16.61 24.49 22.71
CA GLN F 42 -17.76 25.27 22.31
C GLN F 42 -18.10 26.25 23.43
N GLN F 43 -18.62 27.42 23.04
CA GLN F 43 -19.00 28.44 24.02
C GLN F 43 -20.26 29.13 23.53
N LYS F 44 -21.33 29.05 24.32
CA LYS F 44 -22.51 29.85 24.08
C LYS F 44 -22.25 31.28 24.53
N PRO F 45 -22.95 32.26 23.95
CA PRO F 45 -22.74 33.65 24.38
C PRO F 45 -22.96 33.83 25.87
N GLY F 46 -21.93 34.32 26.55
CA GLY F 46 -22.02 34.63 27.96
C GLY F 46 -21.84 33.47 28.91
N LYS F 47 -21.39 32.31 28.42
CA LYS F 47 -21.21 31.13 29.27
C LYS F 47 -19.80 30.60 29.09
N ALA F 48 -19.40 29.74 30.02
CA ALA F 48 -18.06 29.18 30.01
C ALA F 48 -17.89 28.23 28.82
N PRO F 49 -16.67 28.07 28.32
CA PRO F 49 -16.45 27.09 27.25
C PRO F 49 -16.81 25.68 27.69
N LYS F 50 -17.27 24.89 26.72
CA LYS F 50 -17.63 23.49 26.95
C LYS F 50 -16.69 22.63 26.14
N LEU F 51 -16.09 21.63 26.79
CA LEU F 51 -15.16 20.74 26.12
C LEU F 51 -15.94 19.81 25.18
N LEU F 52 -15.75 20.00 23.87
CA LEU F 52 -16.31 19.11 22.87
C LEU F 52 -15.38 17.92 22.61
N ILE F 53 -14.14 18.21 22.22
CA ILE F 53 -13.19 17.18 21.80
C ILE F 53 -11.88 17.40 22.53
N TYR F 54 -11.24 16.30 22.93
CA TYR F 54 -9.87 16.33 23.42
C TYR F 54 -9.06 15.32 22.63
N ALA F 55 -7.77 15.63 22.45
CA ALA F 55 -6.87 14.86 21.59
C ALA F 55 -7.25 14.95 20.12
N ALA F 56 -8.13 15.89 19.77
CA ALA F 56 -8.49 16.17 18.38
C ALA F 56 -9.38 15.09 17.78
N SER F 57 -9.60 14.00 18.51
CA SER F 57 -10.44 12.91 17.99
C SER F 57 -11.39 12.32 19.02
N SER F 58 -11.21 12.56 20.32
CA SER F 58 -11.98 11.89 21.35
C SER F 58 -13.22 12.70 21.67
N LEU F 59 -14.38 12.06 21.54
CA LEU F 59 -15.65 12.72 21.85
C LEU F 59 -15.87 12.71 23.36
N GLN F 60 -16.05 13.90 23.94
CA GLN F 60 -16.27 14.00 25.38
C GLN F 60 -17.64 13.41 25.72
N SER F 61 -17.67 12.56 26.73
CA SER F 61 -18.91 11.88 27.10
C SER F 61 -20.01 12.90 27.37
N GLY F 62 -21.11 12.75 26.63
CA GLY F 62 -22.22 13.69 26.67
C GLY F 62 -22.33 14.59 25.47
N VAL F 63 -21.25 14.73 24.69
CA VAL F 63 -21.28 15.51 23.46
C VAL F 63 -21.94 14.65 22.38
N PRO F 64 -22.94 15.16 21.66
CA PRO F 64 -23.59 14.34 20.64
C PRO F 64 -22.60 13.88 19.58
N SER F 65 -22.88 12.72 18.99
CA SER F 65 -21.98 12.11 18.02
C SER F 65 -21.90 12.88 16.71
N ARG F 66 -22.71 13.92 16.52
CA ARG F 66 -22.62 14.70 15.30
C ARG F 66 -21.38 15.59 15.27
N PHE F 67 -20.73 15.80 16.40
CA PHE F 67 -19.45 16.51 16.45
C PHE F 67 -18.32 15.50 16.23
N SER F 68 -17.43 15.82 15.29
CA SER F 68 -16.33 14.92 14.96
C SER F 68 -15.06 15.72 14.76
N GLY F 69 -13.96 15.23 15.33
CA GLY F 69 -12.64 15.80 15.13
C GLY F 69 -11.79 14.86 14.31
N SER F 70 -11.06 15.42 13.34
CA SER F 70 -10.25 14.64 12.43
C SER F 70 -8.91 15.33 12.21
N GLY F 71 -7.92 14.54 11.82
CA GLY F 71 -6.61 15.05 11.45
C GLY F 71 -5.62 15.00 12.59
N SER F 72 -4.35 15.17 12.23
CA SER F 72 -3.26 15.22 13.19
C SER F 72 -2.07 15.90 12.53
N GLY F 73 -1.21 16.47 13.36
CA GLY F 73 0.00 17.11 12.88
C GLY F 73 -0.15 18.62 12.75
N THR F 74 -0.36 19.10 11.53
CA THR F 74 -0.55 20.53 11.27
C THR F 74 -2.02 20.90 11.23
N ASP F 75 -2.81 20.21 10.41
CA ASP F 75 -4.20 20.58 10.17
C ASP F 75 -5.14 19.69 10.97
N PHE F 76 -6.18 20.31 11.54
CA PHE F 76 -7.22 19.61 12.28
C PHE F 76 -8.58 20.13 11.81
N THR F 77 -9.59 19.29 11.89
CA THR F 77 -10.91 19.62 11.38
C THR F 77 -11.98 19.24 12.39
N LEU F 78 -12.92 20.16 12.63
CA LEU F 78 -14.10 19.89 13.43
C LEU F 78 -15.33 19.98 12.53
N THR F 79 -16.12 18.92 12.51
CA THR F 79 -17.28 18.83 11.64
C THR F 79 -18.53 18.53 12.45
N ILE F 80 -19.58 19.29 12.17
CA ILE F 80 -20.92 19.02 12.68
C ILE F 80 -21.70 18.41 11.53
N SER F 81 -22.07 17.12 11.68
CA SER F 81 -22.70 16.40 10.59
C SER F 81 -24.08 16.96 10.26
N SER F 82 -24.80 17.46 11.27
CA SER F 82 -26.11 18.05 11.04
C SER F 82 -26.25 19.23 12.01
N LEU F 83 -26.00 20.44 11.50
CA LEU F 83 -26.06 21.61 12.34
C LEU F 83 -27.44 21.74 12.98
N GLN F 84 -27.46 22.06 14.26
CA GLN F 84 -28.69 22.15 15.05
C GLN F 84 -28.90 23.56 15.54
N PRO F 85 -30.14 23.95 15.83
CA PRO F 85 -30.36 25.30 16.39
C PRO F 85 -29.61 25.52 17.69
N GLU F 86 -29.46 24.47 18.50
CA GLU F 86 -28.70 24.55 19.74
C GLU F 86 -27.19 24.56 19.52
N ASP F 87 -26.74 24.38 18.28
CA ASP F 87 -25.32 24.40 17.95
C ASP F 87 -24.84 25.79 17.51
N PHE F 88 -25.64 26.82 17.74
CA PHE F 88 -25.22 28.19 17.50
C PHE F 88 -24.31 28.62 18.65
N ALA F 89 -23.05 28.85 18.36
CA ALA F 89 -22.06 29.10 19.41
C ALA F 89 -20.75 29.48 18.75
N THR F 90 -19.74 29.82 19.55
CA THR F 90 -18.40 30.08 19.05
C THR F 90 -17.50 28.91 19.42
N TYR F 91 -16.75 28.42 18.44
CA TYR F 91 -15.93 27.23 18.60
C TYR F 91 -14.45 27.63 18.51
N TYR F 92 -13.67 27.15 19.48
CA TYR F 92 -12.24 27.43 19.56
C TYR F 92 -11.45 26.13 19.51
N CYS F 93 -10.24 26.21 18.95
CA CYS F 93 -9.27 25.14 19.05
C CYS F 93 -8.16 25.54 20.00
N LEU F 94 -7.78 24.61 20.88
CA LEU F 94 -6.80 24.85 21.93
C LEU F 94 -5.64 23.87 21.73
N GLN F 95 -4.44 24.40 21.53
CA GLN F 95 -3.24 23.57 21.43
C GLN F 95 -2.48 23.64 22.75
N ASP F 96 -1.96 22.49 23.17
CA ASP F 96 -1.17 22.39 24.40
C ASP F 96 0.14 21.67 24.03
N TYR F 97 1.14 22.46 23.62
CA TYR F 97 2.43 21.94 23.21
C TYR F 97 3.50 22.57 24.09
N ASN F 98 4.52 21.79 24.44
CA ASN F 98 5.62 22.26 25.29
C ASN F 98 5.10 22.79 26.62
N TYR F 99 3.96 22.28 27.07
CA TYR F 99 3.34 22.72 28.33
C TYR F 99 3.01 24.22 28.28
N LEU F 100 2.61 24.71 27.11
CA LEU F 100 2.11 26.07 26.98
C LEU F 100 0.91 26.04 26.04
N LEU F 101 -0.24 26.49 26.54
CA LEU F 101 -1.52 26.31 25.88
C LEU F 101 -1.96 27.61 25.22
N THR F 102 -2.34 27.54 23.95
CA THR F 102 -2.82 28.67 23.19
C THR F 102 -4.14 28.34 22.51
N PHE F 103 -5.10 29.25 22.60
CA PHE F 103 -6.38 29.09 21.94
C PHE F 103 -6.33 29.64 20.53
N GLY F 104 -7.32 29.24 19.72
CA GLY F 104 -7.46 29.71 18.37
C GLY F 104 -8.25 31.00 18.28
N GLY F 105 -8.49 31.43 17.04
CA GLY F 105 -9.23 32.65 16.80
C GLY F 105 -10.67 32.58 17.25
N GLY F 106 -11.31 31.44 16.98
CA GLY F 106 -12.69 31.25 17.35
C GLY F 106 -13.65 31.61 16.23
N THR F 107 -14.51 30.67 15.85
CA THR F 107 -15.45 30.86 14.74
C THR F 107 -16.87 30.85 15.30
N LYS F 108 -17.63 31.89 14.95
CA LYS F 108 -18.99 32.05 15.46
C LYS F 108 -19.95 31.40 14.47
N VAL F 109 -20.40 30.18 14.76
CA VAL F 109 -21.34 29.48 13.91
C VAL F 109 -22.75 29.89 14.35
N GLU F 110 -23.50 30.50 13.43
CA GLU F 110 -24.88 30.88 13.63
C GLU F 110 -25.72 30.42 12.43
N ILE F 111 -26.98 30.12 12.70
CA ILE F 111 -27.87 29.61 11.66
C ILE F 111 -28.49 30.77 10.88
C1 SPH G . 3.65 -5.51 -24.86
O1 SPH G . 2.73 -4.90 -23.97
C2 SPH G . 3.10 -6.81 -25.46
N2 SPH G . 3.23 -6.77 -26.89
C3 SPH G . 3.89 -8.01 -24.94
O3 SPH G . 3.95 -7.98 -23.53
C4 SPH G . 3.29 -9.30 -25.42
C5 SPH G . 1.86 -9.57 -25.29
C6 SPH G . 1.27 -10.79 -25.93
C7 SPH G . 1.68 -10.93 -27.39
C8 SPH G . 1.00 -12.13 -28.01
C9 SPH G . 1.72 -12.64 -29.25
C10 SPH G . 1.68 -11.64 -30.41
C11 SPH G . 0.29 -11.57 -31.02
C12 SPH G . 0.27 -12.03 -32.47
C13 SPH G . -1.07 -11.71 -33.12
C14 SPH G . -1.08 -12.24 -34.56
C15 SPH G . -2.49 -12.29 -35.12
C16 SPH G . -2.58 -13.35 -36.22
C17 SPH G . -3.35 -12.83 -37.43
C18 SPH G . -3.38 -13.88 -38.53
H11 SPH G . 4.58 -5.71 -24.33
H12 SPH G . 3.87 -4.81 -25.67
HO1 SPH G . 1.95 -5.48 -23.85
H2 SPH G . 2.05 -6.92 -25.18
HN21 SPH G . 3.71 -7.53 -27.37
HN22 SPH G . 3.08 -5.90 -27.39
H3 SPH G . 4.90 -7.94 -25.33
HO3 SPH G . 4.83 -8.29 -23.24
H4 SPH G . 3.96 -10.09 -25.79
H5 SPH G . 1.31 -9.08 -24.47
H61 SPH G . 0.18 -10.74 -25.87
H62 SPH G . 1.58 -11.68 -25.38
H71 SPH G . 2.76 -11.06 -27.45
H72 SPH G . 1.41 -10.03 -27.93
H81 SPH G . 0.94 -12.95 -27.27
H82 SPH G . -0.03 -11.88 -28.26
H91 SPH G . 2.76 -12.84 -29.00
H92 SPH G . 1.26 -13.58 -29.58
H101 SPH G . 2.40 -11.93 -31.17
H102 SPH G . 1.97 -10.66 -30.05
H111 SPH G . -0.10 -10.56 -30.96
H112 SPH G . -0.37 -12.22 -30.45
H121 SPH G . 1.07 -11.53 -33.03
H122 SPH G . 0.45 -13.10 -32.53
H131 SPH G . -1.23 -10.64 -33.13
H132 SPH G . -1.87 -12.18 -32.55
H141 SPH G . -0.64 -13.24 -34.57
H142 SPH G . -0.47 -11.59 -35.18
H151 SPH G . -3.21 -12.54 -34.34
H152 SPH G . -2.76 -11.32 -35.53
H161 SPH G . -1.57 -13.64 -36.53
H162 SPH G . -3.07 -14.24 -35.83
H171 SPH G . -4.37 -12.59 -37.13
H172 SPH G . -2.89 -11.93 -37.80
H181 SPH G . -3.87 -14.79 -38.16
H182 SPH G . -3.95 -13.49 -39.38
H183 SPH G . -2.36 -14.12 -38.84
#